data_4ZNE
#
_entry.id   4ZNE
#
_cell.length_a   134.735
_cell.length_b   126.750
_cell.length_c   71.844
_cell.angle_alpha   90.00
_cell.angle_beta   118.44
_cell.angle_gamma   90.00
#
_symmetry.space_group_name_H-M   'C 1 2 1'
#
loop_
_entity.id
_entity.type
_entity.pdbx_description
1 polymer 'High affinity immunoglobulin gamma Fc receptor I'
2 polymer 'Ig gamma-1 chain C region'
3 branched alpha-D-mannopyranose-(1-3)-2-acetamido-2-deoxy-beta-D-glucopyranose-(1-4)-2-acetamido-2-deoxy-beta-D-glucopyranose
4 branched alpha-D-mannopyranose-(1-4)-2-acetamido-2-deoxy-beta-D-glucopyranose
5 branched 2-acetamido-2-deoxy-beta-D-glucopyranose-(1-4)-2-acetamido-2-deoxy-beta-D-glucopyranose
6 branched 2-acetamido-2-deoxy-beta-D-glucopyranose-(1-2)-alpha-D-mannopyranose-(1-3)-[2-acetamido-2-deoxy-beta-D-glucopyranose-(1-2)-alpha-D-mannopyranose-(1-6)]alpha-D-mannopyranose-(1-4)-2-acetamido-2-deoxy-beta-D-glucopyranose-(1-4)-[beta-L-fucopyranose-(1-6)]2-acetamido-2-deoxy-beta-D-glucopyranose
7 non-polymer 2-acetamido-2-deoxy-beta-D-glucopyranose
8 non-polymer 'ZINC ION'
9 water water
#
loop_
_entity_poly.entity_id
_entity_poly.type
_entity_poly.pdbx_seq_one_letter_code
_entity_poly.pdbx_strand_id
1 'polypeptide(L)'
;QVDTTKAVITLQPPWVSVFQEETVTLHCEVLHLPGSSSTQWFLNGTATQTSTPSYRITSASVNDSGEYRCQRGLSGRSDP
IQLEIHRGWLLLQVSSRVFTEGEPLALRCHAWKDKLVYNVLYYRNGKAFKFFHWNSNLTILKTNISHNGTYHCSGMGKHR
YTSAGISVTVKELFPAPVLNASVTSPLLEGNLVTLSCETKLLLQRPGLQLYFSFYMGSKTLRGRNTSSEYQILTARREDS
GLYWCEAATEDGNVLKRSPELELQVLG
;
A
2 'polypeptide(L)'
;DKTHTCPPCPAPELLGGPSVFLFPPKPKDTLMISRTPEVTCVVVDVSHEDPEVKFNWYVDGVEVHNAKTKPREEQYNSTY
RVVSVLTVLHQDWLNGKEYKCKVSNKALPAPIEKTISKAKGQPREPQVYTLPPSRDELTKNQVSLTCLVKGFYPSDIAVE
WESNGQPENNYKTTPPVLDSDGSFFLYSKLTVDKSRWQQGNVFSCSVMHEALHNHYTQKSLSLSPGK
;
E,J
#
# COMPACT_ATOMS: atom_id res chain seq x y z
N ILE A 9 37.64 -5.95 21.08
CA ILE A 9 37.02 -4.62 20.81
C ILE A 9 35.58 -4.50 21.32
N THR A 10 35.31 -3.40 22.02
CA THR A 10 33.94 -3.00 22.41
C THR A 10 33.61 -1.62 21.81
N LEU A 11 32.33 -1.24 21.83
CA LEU A 11 31.84 -0.01 21.21
C LEU A 11 30.99 0.83 22.15
N GLN A 12 31.26 2.13 22.23
CA GLN A 12 30.35 3.09 22.86
C GLN A 12 29.48 3.65 21.75
N PRO A 13 28.20 3.88 22.06
CA PRO A 13 27.11 3.25 21.38
C PRO A 13 27.47 1.83 20.88
N PRO A 14 26.85 0.78 21.48
CA PRO A 14 27.05 -0.63 21.09
C PRO A 14 26.94 -0.91 19.58
N TRP A 15 26.13 -0.10 18.90
CA TRP A 15 25.62 -0.42 17.57
C TRP A 15 26.69 -0.48 16.54
N VAL A 16 26.70 -1.60 15.81
CA VAL A 16 27.61 -1.81 14.70
C VAL A 16 27.13 -1.13 13.41
N SER A 17 25.94 -0.52 13.47
CA SER A 17 25.40 0.25 12.37
C SER A 17 25.04 1.67 12.83
N VAL A 18 25.59 2.68 12.16
CA VAL A 18 25.54 4.05 12.67
C VAL A 18 25.21 4.99 11.52
N PHE A 19 24.64 6.15 11.80
CA PHE A 19 24.31 7.11 10.73
C PHE A 19 25.54 7.91 10.35
N GLN A 20 25.53 8.45 9.14
CA GLN A 20 26.52 9.44 8.73
C GLN A 20 26.51 10.60 9.71
N GLU A 21 27.70 11.06 10.10
CA GLU A 21 27.88 12.21 10.99
C GLU A 21 27.66 11.95 12.49
N GLU A 22 27.44 10.70 12.89
CA GLU A 22 27.29 10.36 14.33
C GLU A 22 28.60 9.87 14.92
N THR A 23 28.68 9.87 16.24
CA THR A 23 29.90 9.52 16.95
C THR A 23 29.84 8.09 17.42
N VAL A 24 30.97 7.38 17.25
CA VAL A 24 31.15 6.06 17.83
C VAL A 24 32.61 5.88 18.20
N THR A 25 32.85 5.14 19.27
CA THR A 25 34.22 4.91 19.74
C THR A 25 34.46 3.42 20.02
N LEU A 26 35.65 2.94 19.61
CA LEU A 26 36.01 1.54 19.81
C LEU A 26 37.05 1.45 20.93
N HIS A 27 36.79 0.64 21.96
CA HIS A 27 37.80 0.34 23.00
C HIS A 27 38.37 -1.06 22.84
N CYS A 28 39.69 -1.14 23.01
CA CYS A 28 40.46 -2.36 22.82
C CYS A 28 40.85 -3.02 24.16
N GLU A 29 40.51 -4.30 24.32
CA GLU A 29 40.72 -5.04 25.58
C GLU A 29 41.60 -6.27 25.38
N THR A 39 48.91 0.06 21.73
CA THR A 39 47.88 -0.65 20.98
C THR A 39 47.80 -0.15 19.52
N GLN A 40 47.47 -1.08 18.61
CA GLN A 40 47.40 -0.81 17.17
C GLN A 40 46.00 -1.08 16.61
N TRP A 41 45.61 -0.30 15.59
CA TRP A 41 44.27 -0.42 14.94
C TRP A 41 44.35 -0.83 13.47
N PHE A 42 43.62 -1.89 13.13
CA PHE A 42 43.62 -2.46 11.77
C PHE A 42 42.25 -2.31 11.14
N LEU A 43 42.16 -1.45 10.14
CA LEU A 43 40.93 -1.25 9.37
C LEU A 43 41.09 -1.83 7.97
N ASN A 44 40.23 -2.79 7.62
CA ASN A 44 40.29 -3.44 6.32
C ASN A 44 41.65 -4.13 6.08
N GLY A 45 42.32 -4.56 7.14
CA GLY A 45 43.61 -5.24 7.05
C GLY A 45 44.87 -4.39 6.96
N THR A 46 44.75 -3.07 7.09
CA THR A 46 45.92 -2.17 7.13
C THR A 46 45.98 -1.40 8.46
N ALA A 47 47.16 -0.89 8.79
CA ALA A 47 47.40 -0.21 10.08
C ALA A 47 47.06 1.27 10.00
N THR A 48 46.57 1.83 11.11
CA THR A 48 46.30 3.27 11.21
C THR A 48 47.14 3.91 12.31
N GLN A 49 47.09 5.24 12.37
CA GLN A 49 47.86 6.05 13.33
C GLN A 49 47.50 5.79 14.80
N THR A 50 46.23 5.88 15.13
CA THR A 50 45.75 5.84 16.53
C THR A 50 46.47 4.79 17.40
N SER A 51 47.25 5.26 18.37
CA SER A 51 47.96 4.38 19.33
C SER A 51 47.09 4.10 20.56
N THR A 52 46.29 5.11 20.96
CA THR A 52 45.30 5.02 22.03
C THR A 52 44.66 3.65 22.16
N PRO A 53 44.27 3.23 23.39
CA PRO A 53 43.38 2.06 23.53
C PRO A 53 41.90 2.35 23.18
N SER A 54 41.64 3.51 22.57
CA SER A 54 40.32 3.88 22.10
C SER A 54 40.36 4.67 20.78
N TYR A 55 39.51 4.23 19.84
CA TYR A 55 39.43 4.79 18.50
C TYR A 55 38.19 5.69 18.39
N ARG A 56 38.40 6.93 17.97
CA ARG A 56 37.38 7.96 18.01
C ARG A 56 36.95 8.36 16.61
N ILE A 57 35.75 7.93 16.23
CA ILE A 57 35.08 8.45 15.04
C ILE A 57 34.09 9.51 15.51
N THR A 58 34.47 10.77 15.37
CA THR A 58 33.71 11.88 15.93
C THR A 58 32.51 12.18 15.05
N SER A 59 32.66 11.93 13.75
CA SER A 59 31.65 12.24 12.77
C SER A 59 31.71 11.24 11.61
N ALA A 60 31.05 10.09 11.79
CA ALA A 60 31.12 8.96 10.84
C ALA A 60 30.97 9.36 9.38
N SER A 61 31.77 8.76 8.51
CA SER A 61 31.70 9.02 7.08
C SER A 61 31.76 7.69 6.36
N VAL A 62 31.60 7.69 5.05
CA VAL A 62 31.48 6.43 4.32
C VAL A 62 32.79 5.62 4.29
N ASN A 63 33.93 6.26 4.56
CA ASN A 63 35.21 5.53 4.66
C ASN A 63 35.47 4.87 6.03
N ASP A 64 34.63 5.16 7.02
CA ASP A 64 34.73 4.49 8.32
C ASP A 64 34.04 3.12 8.34
N SER A 65 33.35 2.76 7.25
CA SER A 65 32.81 1.42 7.11
C SER A 65 33.96 0.46 6.86
N GLY A 66 33.89 -0.75 7.42
CA GLY A 66 34.92 -1.76 7.20
C GLY A 66 35.12 -2.74 8.34
N GLU A 67 36.15 -3.57 8.21
CA GLU A 67 36.49 -4.57 9.23
C GLU A 67 37.55 -3.99 10.15
N TYR A 68 37.24 -3.87 11.44
CA TYR A 68 38.19 -3.35 12.45
C TYR A 68 38.79 -4.44 13.35
N ARG A 69 40.10 -4.35 13.59
CA ARG A 69 40.83 -5.25 14.51
C ARG A 69 41.82 -4.43 15.38
N CYS A 70 42.21 -4.98 16.55
CA CYS A 70 43.16 -4.27 17.46
C CYS A 70 44.14 -5.19 18.20
N GLN A 71 45.18 -4.58 18.81
CA GLN A 71 46.24 -5.31 19.54
C GLN A 71 46.24 -4.98 21.04
N GLY A 76 47.14 -11.55 21.87
CA GLY A 76 47.73 -11.32 20.55
C GLY A 76 46.99 -10.25 19.75
N ARG A 77 45.92 -10.67 19.07
CA ARG A 77 45.07 -9.78 18.25
C ARG A 77 43.56 -10.20 18.24
N SER A 78 42.68 -9.20 18.09
CA SER A 78 41.24 -9.36 18.29
C SER A 78 40.47 -9.91 17.09
N ASP A 79 39.34 -10.52 17.38
CA ASP A 79 38.38 -10.87 16.34
C ASP A 79 37.93 -9.62 15.59
N PRO A 80 37.45 -9.80 14.33
CA PRO A 80 36.97 -8.66 13.54
C PRO A 80 35.64 -8.13 14.07
N ILE A 81 35.39 -6.85 13.79
CA ILE A 81 34.10 -6.22 13.97
C ILE A 81 33.84 -5.45 12.69
N GLN A 82 32.66 -5.66 12.11
CA GLN A 82 32.28 -5.03 10.83
C GLN A 82 31.43 -3.81 11.13
N LEU A 83 31.95 -2.62 10.88
CA LEU A 83 31.20 -1.40 11.15
C LEU A 83 30.59 -0.83 9.85
N GLU A 84 29.29 -0.50 9.87
CA GLU A 84 28.55 0.00 8.69
C GLU A 84 28.05 1.42 8.89
N ILE A 85 28.47 2.36 8.05
CA ILE A 85 27.93 3.72 8.10
C ILE A 85 26.81 3.86 7.06
N HIS A 86 25.70 4.49 7.43
CA HIS A 86 24.50 4.52 6.57
C HIS A 86 23.87 5.87 6.45
N ARG A 87 23.01 6.00 5.43
CA ARG A 87 22.18 7.18 5.26
C ARG A 87 20.73 6.74 5.14
N GLY A 88 19.81 7.47 5.77
CA GLY A 88 18.40 7.09 5.68
C GLY A 88 17.57 7.77 6.71
N TRP A 89 16.27 7.46 6.72
CA TRP A 89 15.34 8.07 7.65
C TRP A 89 15.35 7.37 8.98
N LEU A 90 15.36 6.03 8.88
CA LEU A 90 15.42 5.09 10.01
C LEU A 90 16.50 4.02 9.78
N LEU A 91 17.12 3.60 10.87
CA LEU A 91 18.19 2.62 10.82
C LEU A 91 18.00 1.62 11.94
N LEU A 92 17.79 0.34 11.61
CA LEU A 92 17.69 -0.70 12.63
C LEU A 92 19.08 -1.11 13.14
N GLN A 93 19.34 -0.79 14.41
CA GLN A 93 20.64 -1.01 15.01
C GLN A 93 20.66 -2.31 15.80
N VAL A 94 21.72 -3.11 15.60
CA VAL A 94 21.95 -4.30 16.40
C VAL A 94 23.36 -4.24 17.00
N SER A 95 23.58 -5.03 18.06
CA SER A 95 24.85 -5.00 18.82
C SER A 95 25.92 -5.91 18.23
N SER A 96 25.47 -6.91 17.48
CA SER A 96 26.37 -7.64 16.59
C SER A 96 25.49 -8.36 15.58
N ARG A 97 26.11 -9.08 14.66
CA ARG A 97 25.41 -9.69 13.54
C ARG A 97 25.40 -11.23 13.60
N VAL A 98 26.15 -11.80 14.56
CA VAL A 98 26.36 -13.23 14.65
C VAL A 98 26.30 -13.60 16.13
N PHE A 99 25.31 -14.44 16.47
CA PHE A 99 25.08 -14.86 17.84
C PHE A 99 25.09 -16.38 17.96
N THR A 100 25.49 -16.87 19.13
CA THR A 100 25.18 -18.24 19.47
C THR A 100 23.82 -18.25 20.16
N GLU A 101 23.11 -19.35 19.99
CA GLU A 101 21.94 -19.63 20.79
C GLU A 101 22.22 -19.32 22.28
N GLY A 102 21.27 -18.65 22.93
CA GLY A 102 21.35 -18.38 24.36
C GLY A 102 21.74 -16.95 24.69
N GLU A 103 22.32 -16.28 23.70
CA GLU A 103 22.76 -14.90 23.85
C GLU A 103 21.64 -13.87 23.59
N PRO A 104 21.75 -12.69 24.26
CA PRO A 104 20.85 -11.55 24.08
C PRO A 104 21.13 -10.69 22.83
N LEU A 105 20.05 -10.21 22.21
CA LEU A 105 20.05 -9.47 20.97
C LEU A 105 19.32 -8.17 21.27
N ALA A 106 20.04 -7.05 21.25
CA ALA A 106 19.45 -5.74 21.47
C ALA A 106 19.13 -5.12 20.11
N LEU A 107 17.88 -4.72 19.92
CA LEU A 107 17.48 -4.01 18.70
C LEU A 107 17.11 -2.56 19.02
N ARG A 108 17.32 -1.66 18.07
CA ARG A 108 16.87 -0.27 18.20
C ARG A 108 16.44 0.24 16.85
N CYS A 109 15.29 0.93 16.80
CA CYS A 109 14.82 1.62 15.60
C CYS A 109 15.22 3.08 15.77
N HIS A 110 16.27 3.50 15.07
CA HIS A 110 16.91 4.77 15.32
C HIS A 110 16.57 5.81 14.27
N ALA A 111 16.01 6.93 14.71
CA ALA A 111 15.59 7.99 13.81
C ALA A 111 16.74 8.91 13.54
N TRP A 112 16.90 9.28 12.28
CA TRP A 112 17.90 10.25 11.83
C TRP A 112 17.81 11.52 12.64
N LYS A 113 18.96 12.00 13.09
CA LYS A 113 19.09 13.20 13.94
C LYS A 113 18.24 13.12 15.20
N ASP A 114 18.03 11.91 15.69
CA ASP A 114 17.25 11.65 16.88
C ASP A 114 15.93 12.39 16.92
N LYS A 115 15.24 12.43 15.76
CA LYS A 115 13.89 12.99 15.68
C LYS A 115 12.84 11.99 16.15
N LEU A 116 11.61 12.45 16.27
CA LEU A 116 10.51 11.64 16.81
C LEU A 116 9.80 10.83 15.74
N VAL A 117 9.73 9.51 15.96
CA VAL A 117 8.79 8.65 15.28
C VAL A 117 8.00 7.96 16.39
N TYR A 118 6.78 7.57 16.05
CA TYR A 118 5.86 6.85 16.89
C TYR A 118 5.17 5.73 16.08
N ASN A 119 4.31 4.95 16.74
CA ASN A 119 3.66 3.79 16.11
C ASN A 119 4.64 2.94 15.34
N VAL A 120 5.68 2.53 16.05
CA VAL A 120 6.85 1.89 15.44
C VAL A 120 6.64 0.38 15.35
N LEU A 121 7.14 -0.23 14.27
CA LEU A 121 6.98 -1.68 14.05
C LEU A 121 8.36 -2.34 13.87
N TYR A 122 8.59 -3.48 14.54
CA TYR A 122 9.76 -4.31 14.28
C TYR A 122 9.39 -5.55 13.48
N TYR A 123 10.15 -5.80 12.41
CA TYR A 123 9.88 -6.85 11.44
C TYR A 123 10.96 -7.93 11.50
N ARG A 124 10.55 -9.19 11.37
CA ARG A 124 11.48 -10.31 11.19
C ARG A 124 11.08 -11.03 9.90
N ASN A 125 12.00 -11.09 8.94
CA ASN A 125 11.74 -11.76 7.67
C ASN A 125 10.44 -11.30 6.99
N GLY A 126 10.18 -10.00 7.03
CA GLY A 126 8.99 -9.40 6.38
C GLY A 126 7.70 -9.52 7.18
N LYS A 127 7.78 -10.03 8.41
CA LYS A 127 6.62 -10.16 9.29
C LYS A 127 6.76 -9.30 10.55
N ALA A 128 5.94 -8.26 10.67
CA ALA A 128 5.89 -7.44 11.90
C ALA A 128 5.65 -8.30 13.13
N PHE A 129 6.51 -8.19 14.14
CA PHE A 129 6.36 -9.00 15.36
C PHE A 129 6.18 -8.19 16.66
N LYS A 130 6.25 -6.86 16.58
CA LYS A 130 6.10 -6.02 17.77
C LYS A 130 5.76 -4.59 17.36
N PHE A 131 4.87 -3.97 18.14
CA PHE A 131 4.37 -2.63 17.85
C PHE A 131 4.43 -1.85 19.15
N PHE A 132 5.03 -0.66 19.13
CA PHE A 132 5.03 0.26 20.27
C PHE A 132 4.42 1.59 19.83
N HIS A 133 3.57 2.14 20.69
CA HIS A 133 2.98 3.44 20.45
C HIS A 133 4.07 4.47 20.43
N TRP A 134 5.03 4.34 21.34
CA TRP A 134 6.16 5.28 21.39
C TRP A 134 7.43 4.56 21.10
N ASN A 135 8.33 5.19 20.32
CA ASN A 135 9.55 4.54 19.92
C ASN A 135 10.23 3.93 21.14
N SER A 136 10.73 2.72 20.98
CA SER A 136 11.37 2.07 22.07
C SER A 136 12.26 1.00 21.52
N ASN A 137 13.40 0.80 22.17
CA ASN A 137 14.28 -0.30 21.79
C ASN A 137 13.74 -1.62 22.32
N LEU A 138 14.32 -2.71 21.82
CA LEU A 138 13.78 -4.03 22.05
C LEU A 138 14.94 -5.01 22.23
N THR A 139 14.90 -5.75 23.33
CA THR A 139 15.94 -6.75 23.63
C THR A 139 15.35 -8.13 23.82
N ILE A 140 15.71 -9.03 22.92
CA ILE A 140 15.37 -10.43 22.99
C ILE A 140 16.43 -11.13 23.85
N LEU A 141 16.09 -11.39 25.12
CA LEU A 141 17.03 -11.82 26.19
C LEU A 141 17.76 -13.18 26.00
N LYS A 142 17.09 -14.16 25.42
CA LYS A 142 17.69 -15.47 25.18
C LYS A 142 17.28 -15.94 23.79
N THR A 143 18.15 -15.68 22.82
CA THR A 143 17.82 -15.91 21.42
C THR A 143 17.84 -17.41 21.12
N ASN A 144 17.52 -17.75 19.88
CA ASN A 144 17.55 -19.13 19.40
C ASN A 144 17.17 -19.17 17.93
N ILE A 145 17.27 -20.33 17.28
CA ILE A 145 17.15 -20.40 15.81
C ILE A 145 15.93 -19.68 15.20
N SER A 146 14.85 -19.46 15.96
CA SER A 146 13.66 -18.77 15.41
C SER A 146 13.92 -17.27 15.21
N HIS A 147 14.92 -16.76 15.92
CA HIS A 147 15.35 -15.36 15.77
C HIS A 147 16.26 -15.12 14.58
N ASN A 148 16.84 -16.18 14.03
CA ASN A 148 17.67 -16.05 12.83
C ASN A 148 16.86 -15.40 11.70
N GLY A 149 17.42 -14.36 11.06
CA GLY A 149 16.78 -13.75 9.89
C GLY A 149 17.07 -12.28 9.63
N THR A 150 16.34 -11.69 8.69
CA THR A 150 16.48 -10.29 8.30
C THR A 150 15.48 -9.37 9.04
N TYR A 151 16.03 -8.39 9.76
CA TYR A 151 15.25 -7.46 10.56
C TYR A 151 15.22 -6.07 9.93
N HIS A 152 14.05 -5.44 9.95
CA HIS A 152 13.94 -4.00 9.71
C HIS A 152 12.90 -3.40 10.61
N CYS A 153 12.84 -2.07 10.66
CA CYS A 153 11.80 -1.42 11.44
C CYS A 153 11.14 -0.40 10.57
N SER A 154 10.02 0.15 11.07
CA SER A 154 9.35 1.31 10.46
C SER A 154 8.62 2.16 11.49
N GLY A 155 8.33 3.41 11.13
CA GLY A 155 7.75 4.32 12.09
C GLY A 155 7.15 5.54 11.44
N MET A 156 6.26 6.20 12.17
CA MET A 156 5.52 7.34 11.66
C MET A 156 6.12 8.58 12.22
N GLY A 157 6.69 9.40 11.36
CA GLY A 157 7.04 10.79 11.68
C GLY A 157 6.00 11.67 11.05
N LYS A 158 6.43 12.58 10.19
CA LYS A 158 5.49 13.32 9.36
C LYS A 158 4.97 12.46 8.23
N HIS A 159 5.72 11.42 7.87
CA HIS A 159 5.26 10.34 6.97
C HIS A 159 5.70 9.03 7.56
N ARG A 160 5.19 7.92 7.02
CA ARG A 160 5.60 6.58 7.43
C ARG A 160 6.93 6.25 6.77
N TYR A 161 7.96 6.02 7.58
CA TYR A 161 9.31 5.77 7.08
C TYR A 161 9.75 4.36 7.48
N THR A 162 10.58 3.74 6.64
CA THR A 162 10.93 2.33 6.73
C THR A 162 12.45 2.12 6.63
N SER A 163 13.04 1.30 7.49
CA SER A 163 14.50 1.12 7.46
C SER A 163 14.88 -0.01 6.51
N ALA A 164 16.12 0.01 6.07
CA ALA A 164 16.71 -1.09 5.32
C ALA A 164 16.75 -2.29 6.24
N GLY A 165 16.80 -3.47 5.66
CA GLY A 165 16.95 -4.68 6.45
C GLY A 165 18.41 -4.92 6.78
N ILE A 166 18.64 -5.63 7.89
CA ILE A 166 19.97 -6.10 8.29
C ILE A 166 19.89 -7.60 8.55
N SER A 167 20.97 -8.33 8.30
CA SER A 167 20.99 -9.76 8.63
C SER A 167 21.47 -9.99 10.06
N VAL A 168 20.74 -10.81 10.79
CA VAL A 168 21.19 -11.32 12.08
C VAL A 168 21.34 -12.83 11.89
N THR A 169 22.30 -13.41 12.61
CA THR A 169 22.55 -14.84 12.57
C THR A 169 22.52 -15.36 13.97
N VAL A 170 21.71 -16.39 14.19
CA VAL A 170 21.68 -17.09 15.47
C VAL A 170 21.95 -18.56 15.17
N LYS A 171 23.07 -19.06 15.70
CA LYS A 171 23.56 -20.42 15.40
C LYS A 171 23.22 -21.37 16.56
N GLU A 172 22.65 -22.52 16.21
CA GLU A 172 22.38 -23.57 17.18
C GLU A 172 23.70 -24.08 17.76
N LEU A 173 23.82 -23.98 19.08
CA LEU A 173 24.94 -24.53 19.85
C LEU A 173 24.90 -26.10 19.84
N PHE A 174 23.80 -26.67 20.35
CA PHE A 174 23.53 -28.13 20.28
C PHE A 174 22.05 -28.44 20.16
N PRO A 175 21.70 -29.44 19.33
CA PRO A 175 20.26 -29.73 19.23
C PRO A 175 19.75 -30.32 20.53
N ALA A 176 18.44 -30.42 20.64
CA ALA A 176 17.82 -30.97 21.83
C ALA A 176 18.21 -32.46 21.95
N PRO A 177 18.59 -32.90 23.16
CA PRO A 177 19.00 -34.27 23.35
C PRO A 177 17.89 -35.27 23.11
N VAL A 178 18.28 -36.49 22.77
CA VAL A 178 17.35 -37.60 22.68
C VAL A 178 17.86 -38.59 23.73
N LEU A 179 16.99 -39.08 24.59
CA LEU A 179 17.34 -40.23 25.45
C LEU A 179 17.25 -41.56 24.69
N ASN A 180 18.39 -42.25 24.60
CA ASN A 180 18.55 -43.54 23.96
C ASN A 180 18.88 -44.61 25.01
N ALA A 181 18.16 -45.74 24.99
CA ALA A 181 18.44 -46.90 25.84
C ALA A 181 19.15 -47.96 25.04
N SER A 182 20.00 -48.76 25.69
CA SER A 182 20.84 -49.76 25.01
C SER A 182 20.18 -51.13 24.84
N VAL A 183 18.99 -51.32 25.41
CA VAL A 183 18.17 -52.51 25.21
C VAL A 183 16.76 -52.00 24.92
N THR A 184 16.02 -52.60 23.97
CA THR A 184 14.68 -52.10 23.61
C THR A 184 13.60 -52.47 24.64
N SER A 185 12.55 -51.66 24.66
CA SER A 185 11.74 -51.40 25.88
C SER A 185 11.08 -52.55 26.61
N PRO A 186 10.55 -53.55 25.89
CA PRO A 186 10.16 -54.71 26.71
C PRO A 186 11.41 -55.54 27.02
N LEU A 187 12.01 -55.31 28.18
CA LEU A 187 13.25 -55.98 28.60
C LEU A 187 13.10 -56.71 29.96
N LEU A 188 14.02 -57.64 30.28
CA LEU A 188 13.84 -58.59 31.41
C LEU A 188 14.59 -58.23 32.69
N GLU A 189 14.07 -58.67 33.84
CA GLU A 189 14.75 -58.46 35.13
C GLU A 189 16.23 -58.82 35.05
N GLY A 190 17.05 -58.13 35.85
CA GLY A 190 18.47 -58.47 36.00
C GLY A 190 19.38 -58.13 34.83
N ASN A 191 18.87 -57.39 33.86
CA ASN A 191 19.71 -56.97 32.74
C ASN A 191 20.41 -55.67 33.06
N LEU A 192 21.50 -55.46 32.35
CA LEU A 192 22.20 -54.21 32.31
C LEU A 192 21.55 -53.42 31.19
N VAL A 193 21.31 -52.14 31.46
CA VAL A 193 20.87 -51.20 30.44
C VAL A 193 21.56 -49.85 30.69
N THR A 194 22.09 -49.27 29.63
CA THR A 194 22.70 -47.96 29.68
C THR A 194 21.75 -46.97 28.99
N LEU A 195 21.56 -45.82 29.63
CA LEU A 195 20.80 -44.72 29.06
C LEU A 195 21.83 -43.72 28.60
N SER A 196 21.62 -43.13 27.42
CA SER A 196 22.56 -42.17 26.86
C SER A 196 21.81 -40.92 26.49
N CYS A 197 22.29 -39.80 27.04
CA CYS A 197 21.72 -38.50 26.71
C CYS A 197 22.51 -38.01 25.52
N GLU A 198 21.88 -38.03 24.35
CA GLU A 198 22.55 -37.91 23.07
C GLU A 198 22.34 -36.56 22.41
N THR A 199 23.41 -35.76 22.41
CA THR A 199 23.44 -34.52 21.64
C THR A 199 24.87 -34.14 21.14
N LYS A 200 24.93 -33.70 19.87
CA LYS A 200 26.18 -33.25 19.21
C LYS A 200 26.38 -31.74 19.33
N LEU A 201 27.45 -31.34 20.01
CA LEU A 201 27.90 -29.94 20.07
C LEU A 201 28.31 -29.48 18.66
N LEU A 202 28.20 -28.18 18.37
CA LEU A 202 28.58 -27.64 17.04
C LEU A 202 29.67 -26.53 17.14
N LEU A 203 30.58 -26.72 18.10
CA LEU A 203 31.60 -25.74 18.52
C LEU A 203 30.99 -24.46 19.11
N LEU A 208 34.90 -25.55 26.13
CA LEU A 208 33.63 -25.73 26.84
C LEU A 208 33.00 -27.10 26.54
N GLN A 209 32.44 -27.73 27.57
CA GLN A 209 31.69 -28.97 27.42
C GLN A 209 30.33 -28.95 28.17
N LEU A 210 29.49 -29.92 27.83
CA LEU A 210 28.10 -29.99 28.26
C LEU A 210 27.92 -30.78 29.51
N TYR A 211 26.87 -30.48 30.25
CA TYR A 211 26.56 -31.16 31.51
C TYR A 211 25.17 -31.84 31.43
N PHE A 212 25.09 -33.06 31.96
CA PHE A 212 23.95 -33.92 31.72
C PHE A 212 23.36 -34.40 33.02
N SER A 213 22.04 -34.55 33.03
CA SER A 213 21.33 -35.06 34.20
C SER A 213 20.19 -35.97 33.75
N PHE A 214 19.98 -37.06 34.48
CA PHE A 214 19.01 -38.09 34.12
C PHE A 214 17.85 -38.14 35.08
N TYR A 215 16.66 -38.40 34.54
CA TYR A 215 15.42 -38.39 35.33
C TYR A 215 14.48 -39.55 35.01
N MET A 216 13.60 -39.85 35.98
CA MET A 216 12.57 -40.88 35.91
C MET A 216 11.28 -40.27 36.43
N GLY A 217 10.27 -40.14 35.57
CA GLY A 217 9.15 -39.28 35.85
C GLY A 217 9.66 -37.87 36.18
N SER A 218 9.31 -37.37 37.35
CA SER A 218 9.78 -36.06 37.74
C SER A 218 10.92 -36.20 38.75
N LYS A 219 11.31 -37.43 39.06
CA LYS A 219 12.36 -37.70 40.05
C LYS A 219 13.78 -37.75 39.44
N THR A 220 14.77 -37.28 40.21
CA THR A 220 16.16 -37.16 39.75
C THR A 220 16.96 -38.43 40.02
N LEU A 221 17.54 -38.97 38.95
CA LEU A 221 18.28 -40.22 39.03
C LEU A 221 19.76 -39.99 39.26
N ARG A 222 20.29 -38.97 38.59
CA ARG A 222 21.68 -38.57 38.70
C ARG A 222 21.75 -37.12 38.25
N GLY A 223 22.50 -36.31 39.00
CA GLY A 223 22.50 -34.85 38.82
C GLY A 223 23.60 -34.39 37.90
N ARG A 224 23.55 -33.09 37.55
CA ARG A 224 24.56 -32.44 36.72
C ARG A 224 25.95 -33.14 36.76
N ASN A 225 26.42 -33.58 35.60
CA ASN A 225 27.65 -34.40 35.46
C ASN A 225 28.11 -34.36 33.99
N THR A 226 29.42 -34.47 33.74
CA THR A 226 29.96 -34.43 32.35
C THR A 226 29.77 -35.75 31.59
N SER A 227 29.49 -36.83 32.34
CA SER A 227 29.10 -38.12 31.78
C SER A 227 27.72 -38.10 31.15
N SER A 228 27.66 -38.55 29.90
CA SER A 228 26.43 -38.58 29.14
C SER A 228 25.71 -39.93 29.26
N GLU A 229 26.18 -40.82 30.12
CA GLU A 229 25.55 -42.13 30.31
C GLU A 229 25.21 -42.43 31.76
N TYR A 230 24.26 -43.34 31.94
CA TYR A 230 23.77 -43.71 33.27
C TYR A 230 23.33 -45.16 33.26
N GLN A 231 23.85 -45.97 34.16
CA GLN A 231 23.57 -47.39 34.13
C GLN A 231 22.59 -47.81 35.18
N ILE A 232 21.62 -48.62 34.76
CA ILE A 232 20.94 -49.51 35.69
C ILE A 232 21.69 -50.84 35.56
N LEU A 233 22.35 -51.24 36.64
CA LEU A 233 23.25 -52.39 36.63
C LEU A 233 22.46 -53.68 36.57
N THR A 234 21.40 -53.75 37.39
CA THR A 234 20.50 -54.90 37.41
C THR A 234 19.06 -54.35 37.42
N ALA A 235 18.41 -54.39 36.26
CA ALA A 235 17.07 -53.82 36.11
C ALA A 235 16.04 -54.65 36.90
N ARG A 236 15.20 -53.96 37.67
CA ARG A 236 14.09 -54.62 38.37
C ARG A 236 12.73 -54.08 37.90
N ARG A 237 11.65 -54.78 38.26
CA ARG A 237 10.30 -54.41 37.82
C ARG A 237 9.99 -52.91 38.09
N GLU A 238 10.40 -52.40 39.25
CA GLU A 238 10.05 -51.02 39.66
C GLU A 238 10.82 -49.92 38.92
N ASP A 239 11.75 -50.30 38.03
CA ASP A 239 12.45 -49.35 37.17
C ASP A 239 11.59 -49.01 35.93
N SER A 240 10.40 -49.62 35.83
CA SER A 240 9.46 -49.31 34.77
C SER A 240 8.93 -47.90 34.95
N GLY A 241 9.04 -47.09 33.91
CA GLY A 241 8.64 -45.71 33.98
C GLY A 241 9.05 -44.96 32.74
N LEU A 242 9.00 -43.63 32.85
CA LEU A 242 9.26 -42.70 31.76
C LEU A 242 10.55 -41.96 32.06
N TYR A 243 11.55 -42.13 31.20
CA TYR A 243 12.86 -41.60 31.43
C TYR A 243 13.23 -40.46 30.46
N TRP A 244 13.91 -39.43 30.94
CA TRP A 244 14.37 -38.31 30.09
C TRP A 244 15.64 -37.69 30.62
N CYS A 245 16.17 -36.69 29.94
CA CYS A 245 17.44 -36.11 30.33
C CYS A 245 17.51 -34.66 29.93
N GLU A 246 18.47 -33.97 30.53
CA GLU A 246 18.74 -32.57 30.22
C GLU A 246 20.26 -32.37 29.96
N ALA A 247 20.57 -31.67 28.88
CA ALA A 247 21.94 -31.29 28.51
C ALA A 247 22.03 -29.77 28.65
N ALA A 248 23.01 -29.30 29.41
CA ALA A 248 23.17 -27.87 29.74
C ALA A 248 24.65 -27.45 29.57
N THR A 249 24.86 -26.23 29.07
CA THR A 249 26.19 -25.63 29.06
C THR A 249 26.57 -25.37 30.50
N GLU A 250 27.87 -25.30 30.73
CA GLU A 250 28.45 -25.05 32.06
C GLU A 250 27.68 -23.90 32.78
N ASP A 251 27.59 -22.74 32.12
CA ASP A 251 26.92 -21.57 32.68
C ASP A 251 25.40 -21.67 32.59
N GLY A 252 24.91 -22.61 31.79
CA GLY A 252 23.49 -22.90 31.67
C GLY A 252 22.56 -21.97 30.92
N ASN A 253 23.07 -20.96 30.22
CA ASN A 253 22.12 -20.15 29.47
C ASN A 253 21.66 -20.77 28.10
N VAL A 254 22.11 -22.00 27.83
CA VAL A 254 21.43 -22.93 26.91
C VAL A 254 21.17 -24.24 27.70
N LEU A 255 19.91 -24.54 27.96
CA LEU A 255 19.51 -25.75 28.69
C LEU A 255 18.32 -26.38 27.98
N LYS A 256 18.47 -27.64 27.55
CA LYS A 256 17.48 -28.34 26.74
C LYS A 256 17.22 -29.77 27.24
N ARG A 257 15.95 -30.20 27.15
CA ARG A 257 15.52 -31.49 27.71
C ARG A 257 15.16 -32.47 26.61
N SER A 258 15.21 -33.76 26.90
CA SER A 258 14.78 -34.74 25.92
C SER A 258 13.31 -35.06 26.10
N PRO A 259 12.67 -35.54 25.05
CA PRO A 259 11.37 -36.13 25.27
C PRO A 259 11.48 -37.37 26.19
N GLU A 260 10.35 -37.89 26.67
CA GLU A 260 10.34 -39.07 27.54
C GLU A 260 10.29 -40.36 26.74
N LEU A 261 11.08 -41.33 27.21
CA LEU A 261 11.14 -42.64 26.61
C LEU A 261 10.49 -43.66 27.54
N GLU A 262 9.63 -44.49 26.99
CA GLU A 262 8.89 -45.44 27.78
C GLU A 262 9.68 -46.75 27.91
N LEU A 263 10.01 -47.12 29.14
CA LEU A 263 10.90 -48.26 29.43
C LEU A 263 10.25 -49.24 30.42
N GLN A 264 10.19 -50.51 30.04
CA GLN A 264 9.55 -51.52 30.85
C GLN A 264 10.48 -52.68 31.22
N VAL A 265 10.45 -53.07 32.49
CA VAL A 265 11.16 -54.24 32.97
C VAL A 265 10.10 -55.26 33.40
N LEU A 266 10.15 -56.47 32.79
CA LEU A 266 9.25 -57.60 33.12
C LEU A 266 9.92 -58.67 33.99
N GLY A 267 9.14 -59.37 34.83
CA GLY A 267 9.65 -60.49 35.64
C GLY A 267 9.75 -61.85 34.93
N PRO B 12 11.98 15.68 19.96
CA PRO B 12 10.56 16.06 19.96
C PRO B 12 9.95 16.51 18.60
N GLU B 13 10.77 16.97 17.66
CA GLU B 13 10.30 17.27 16.34
C GLU B 13 10.10 15.96 15.53
N LEU B 14 9.00 15.85 14.80
CA LEU B 14 8.74 14.65 14.01
C LEU B 14 9.70 14.57 12.84
N LEU B 15 10.18 13.35 12.59
CA LEU B 15 11.11 13.07 11.52
C LEU B 15 10.40 13.35 10.25
N GLY B 16 11.09 13.95 9.29
CA GLY B 16 10.58 14.08 7.92
C GLY B 16 11.07 15.33 7.19
N GLY B 17 11.16 15.24 5.87
CA GLY B 17 11.50 16.38 5.00
C GLY B 17 10.58 16.55 3.80
N PRO B 18 11.05 17.21 2.73
CA PRO B 18 10.30 17.42 1.51
C PRO B 18 9.85 16.13 0.84
N SER B 19 8.88 16.25 -0.08
CA SER B 19 8.37 15.16 -0.92
C SER B 19 8.42 15.63 -2.35
N VAL B 20 8.48 14.69 -3.27
CA VAL B 20 8.64 15.02 -4.68
C VAL B 20 7.57 14.30 -5.50
N PHE B 21 6.94 15.01 -6.42
CA PHE B 21 5.98 14.43 -7.35
C PHE B 21 6.44 14.81 -8.73
N LEU B 22 6.43 13.81 -9.60
CA LEU B 22 6.93 13.92 -10.96
C LEU B 22 5.76 13.62 -11.90
N PHE B 23 5.41 14.60 -12.74
CA PHE B 23 4.20 14.58 -13.56
C PHE B 23 4.58 14.49 -15.03
N PRO B 24 3.85 13.63 -15.78
CA PRO B 24 4.06 13.54 -17.19
C PRO B 24 3.51 14.75 -17.90
N PRO B 25 3.82 14.91 -19.18
CA PRO B 25 3.18 15.92 -20.03
C PRO B 25 1.71 15.67 -20.27
N LYS B 26 1.02 16.70 -20.73
CA LYS B 26 -0.38 16.58 -21.10
C LYS B 26 -0.50 15.75 -22.40
N PRO B 27 -1.42 14.78 -22.43
CA PRO B 27 -1.59 13.96 -23.61
C PRO B 27 -1.54 14.74 -24.91
N LYS B 28 -2.26 15.86 -24.96
CA LYS B 28 -2.33 16.63 -26.18
C LYS B 28 -0.96 17.16 -26.64
N ASP B 29 -0.13 17.55 -25.69
CA ASP B 29 1.20 18.05 -25.98
C ASP B 29 2.08 16.98 -26.57
N THR B 30 1.93 15.74 -26.09
CA THR B 30 2.66 14.60 -26.65
C THR B 30 2.20 14.17 -28.06
N LEU B 31 1.01 14.58 -28.48
CA LEU B 31 0.42 14.00 -29.70
C LEU B 31 0.45 14.93 -30.89
N MET B 32 0.63 16.22 -30.66
CA MET B 32 0.74 17.20 -31.74
C MET B 32 2.18 17.63 -31.78
N ILE B 33 2.86 17.35 -32.90
CA ILE B 33 4.26 17.69 -33.09
C ILE B 33 4.56 19.23 -33.04
N SER B 34 3.59 20.09 -33.36
CA SER B 34 3.70 21.55 -33.17
C SER B 34 3.68 22.03 -31.71
N ARG B 35 3.34 21.18 -30.75
CA ARG B 35 3.34 21.57 -29.35
C ARG B 35 4.60 21.15 -28.59
N THR B 36 4.74 21.64 -27.36
CA THR B 36 5.94 21.44 -26.61
C THR B 36 5.67 20.76 -25.28
N PRO B 37 5.76 19.43 -25.24
CA PRO B 37 5.47 18.66 -24.02
C PRO B 37 6.58 18.74 -23.00
N GLU B 38 6.18 18.76 -21.73
CA GLU B 38 7.07 18.99 -20.60
C GLU B 38 6.82 17.97 -19.51
N VAL B 39 7.88 17.59 -18.82
CA VAL B 39 7.79 16.84 -17.57
C VAL B 39 8.07 17.84 -16.46
N THR B 40 7.38 17.68 -15.33
CA THR B 40 7.34 18.67 -14.22
C THR B 40 7.67 17.99 -12.88
N CYS B 41 8.72 18.49 -12.23
CA CYS B 41 9.19 17.97 -10.96
C CYS B 41 8.84 18.99 -9.91
N VAL B 42 7.95 18.61 -8.98
CA VAL B 42 7.46 19.49 -7.97
C VAL B 42 7.94 18.99 -6.60
N VAL B 43 8.49 19.91 -5.79
CA VAL B 43 8.95 19.62 -4.44
C VAL B 43 8.11 20.44 -3.48
N VAL B 44 7.54 19.77 -2.46
CA VAL B 44 6.77 20.45 -1.44
C VAL B 44 7.36 20.20 -0.05
N ASP B 45 6.89 20.94 0.95
CA ASP B 45 7.38 20.85 2.33
C ASP B 45 8.89 21.20 2.43
N VAL B 46 9.31 22.20 1.68
CA VAL B 46 10.65 22.71 1.82
C VAL B 46 10.51 23.65 2.96
N SER B 47 11.38 23.54 3.94
CA SER B 47 11.27 24.30 5.17
C SER B 47 12.04 25.63 5.16
N HIS B 48 11.74 26.47 6.14
CA HIS B 48 12.43 27.72 6.40
C HIS B 48 13.86 27.45 6.73
N GLU B 49 14.05 26.36 7.47
CA GLU B 49 15.36 25.87 7.90
C GLU B 49 16.28 25.53 6.74
N ASP B 50 15.78 24.77 5.76
CA ASP B 50 16.59 24.27 4.63
C ASP B 50 15.92 24.62 3.31
N PRO B 51 16.05 25.89 2.94
CA PRO B 51 15.26 26.40 1.82
C PRO B 51 15.79 26.01 0.45
N GLU B 52 17.09 25.75 0.33
CA GLU B 52 17.69 25.64 -0.99
C GLU B 52 17.45 24.25 -1.55
N VAL B 53 17.16 24.17 -2.84
CA VAL B 53 16.80 22.90 -3.47
C VAL B 53 17.53 22.75 -4.78
N LYS B 54 18.03 21.57 -5.08
CA LYS B 54 18.77 21.41 -6.31
C LYS B 54 18.21 20.33 -7.19
N PHE B 55 18.13 20.60 -8.49
CA PHE B 55 17.64 19.63 -9.48
C PHE B 55 18.72 19.10 -10.40
N ASN B 56 18.76 17.79 -10.60
CA ASN B 56 19.49 17.19 -11.69
C ASN B 56 18.49 16.38 -12.50
N TRP B 57 18.66 16.38 -13.82
CA TRP B 57 17.73 15.69 -14.73
C TRP B 57 18.43 14.70 -15.63
N TYR B 58 17.82 13.53 -15.86
CA TYR B 58 18.43 12.53 -16.70
C TYR B 58 17.45 11.93 -17.71
N VAL B 59 17.92 11.72 -18.94
CA VAL B 59 17.12 11.10 -20.01
C VAL B 59 17.83 9.77 -20.32
N ASP B 60 17.15 8.67 -20.04
CA ASP B 60 17.80 7.36 -20.04
C ASP B 60 19.15 7.36 -19.34
N GLY B 61 19.26 8.02 -18.18
CA GLY B 61 20.46 7.93 -17.36
C GLY B 61 21.57 8.90 -17.74
N VAL B 62 21.34 9.72 -18.79
CA VAL B 62 22.30 10.76 -19.21
C VAL B 62 21.83 12.14 -18.76
N GLU B 63 22.67 12.84 -18.03
CA GLU B 63 22.33 14.14 -17.51
C GLU B 63 22.15 15.11 -18.65
N VAL B 64 21.02 15.83 -18.61
CA VAL B 64 20.74 16.98 -19.46
C VAL B 64 20.62 18.23 -18.60
N HIS B 65 20.72 19.38 -19.25
CA HIS B 65 20.98 20.66 -18.56
C HIS B 65 20.06 21.78 -18.92
N ASN B 66 19.04 21.50 -19.73
CA ASN B 66 18.15 22.55 -20.24
C ASN B 66 16.81 22.64 -19.52
N ALA B 67 16.73 22.11 -18.31
CA ALA B 67 15.53 22.25 -17.48
C ALA B 67 15.38 23.71 -16.98
N LYS B 68 14.14 24.18 -16.82
CA LYS B 68 13.86 25.53 -16.30
C LYS B 68 13.29 25.42 -14.90
N THR B 69 13.98 26.05 -13.97
CA THR B 69 13.59 26.02 -12.57
C THR B 69 13.02 27.37 -12.17
N LYS B 70 11.76 27.37 -11.76
CA LYS B 70 11.07 28.57 -11.25
C LYS B 70 11.51 28.86 -9.81
N PRO B 71 11.17 30.05 -9.29
CA PRO B 71 11.61 30.38 -7.92
C PRO B 71 10.67 29.86 -6.82
N ARG B 72 11.26 29.56 -5.65
CA ARG B 72 10.48 29.01 -4.56
C ARG B 72 9.30 29.93 -4.27
N GLU B 73 8.13 29.32 -4.03
CA GLU B 73 6.95 30.06 -3.60
C GLU B 73 6.40 29.51 -2.27
N GLU B 74 6.15 30.41 -1.32
CA GLU B 74 5.72 30.06 0.02
C GLU B 74 4.24 29.78 -0.04
N GLN B 75 3.82 28.65 0.50
CA GLN B 75 2.45 28.23 0.44
C GLN B 75 1.73 28.65 1.71
N TYR B 76 0.44 28.31 1.78
CA TYR B 76 -0.45 28.70 2.90
C TYR B 76 0.01 28.15 4.27
N ASN B 77 0.77 27.04 4.25
CA ASN B 77 1.21 26.32 5.46
C ASN B 77 2.67 26.55 5.84
N SER B 78 3.22 27.66 5.39
CA SER B 78 4.59 28.09 5.79
C SER B 78 5.72 27.13 5.41
N THR B 79 5.56 26.44 4.28
CA THR B 79 6.60 25.65 3.62
C THR B 79 6.70 26.15 2.17
N TYR B 80 7.80 25.87 1.50
CA TYR B 80 8.01 26.30 0.13
C TYR B 80 7.63 25.20 -0.86
N ARG B 81 7.41 25.60 -2.11
CA ARG B 81 7.11 24.69 -3.22
C ARG B 81 7.98 25.14 -4.38
N VAL B 82 8.72 24.19 -4.96
CA VAL B 82 9.75 24.49 -5.94
C VAL B 82 9.58 23.57 -7.13
N VAL B 83 9.45 24.17 -8.32
CA VAL B 83 9.08 23.44 -9.51
C VAL B 83 10.16 23.57 -10.57
N SER B 84 10.49 22.45 -11.18
CA SER B 84 11.41 22.46 -12.30
C SER B 84 10.79 21.77 -13.50
N VAL B 85 10.87 22.40 -14.68
CA VAL B 85 10.27 21.90 -15.91
C VAL B 85 11.32 21.49 -16.97
N LEU B 86 11.26 20.26 -17.46
CA LEU B 86 12.08 19.82 -18.56
C LEU B 86 11.21 19.56 -19.78
N THR B 87 11.44 20.31 -20.87
CA THR B 87 10.87 20.02 -22.20
C THR B 87 11.43 18.69 -22.69
N VAL B 88 10.57 17.87 -23.27
CA VAL B 88 10.93 16.57 -23.83
C VAL B 88 10.55 16.52 -25.33
N LEU B 89 11.32 15.80 -26.11
CA LEU B 89 11.09 15.76 -27.54
C LEU B 89 9.98 14.80 -27.82
N HIS B 90 9.07 15.21 -28.68
CA HIS B 90 7.96 14.41 -29.15
C HIS B 90 8.28 12.95 -29.32
N GLN B 91 9.30 12.63 -30.11
CA GLN B 91 9.58 11.23 -30.47
C GLN B 91 10.13 10.46 -29.28
N ASP B 92 10.88 11.15 -28.42
CA ASP B 92 11.49 10.53 -27.25
C ASP B 92 10.40 10.06 -26.28
N TRP B 93 9.39 10.88 -26.11
CA TRP B 93 8.36 10.53 -25.15
C TRP B 93 7.61 9.33 -25.66
N LEU B 94 7.13 9.41 -26.89
CA LEU B 94 6.41 8.28 -27.50
C LEU B 94 7.25 7.03 -27.69
N ASN B 95 8.56 7.19 -27.87
CA ASN B 95 9.43 6.03 -27.94
C ASN B 95 9.98 5.61 -26.55
N GLY B 96 9.30 5.99 -25.48
CA GLY B 96 9.51 5.39 -24.16
C GLY B 96 10.79 5.70 -23.40
N LYS B 97 11.48 6.77 -23.76
CA LYS B 97 12.61 7.24 -22.94
C LYS B 97 12.19 7.56 -21.51
N GLU B 98 13.09 7.35 -20.55
CA GLU B 98 12.78 7.58 -19.14
C GLU B 98 13.40 8.86 -18.63
N TYR B 99 12.59 9.68 -17.98
CA TYR B 99 13.03 10.96 -17.47
C TYR B 99 13.08 10.84 -15.97
N LYS B 100 14.26 11.13 -15.41
CA LYS B 100 14.55 11.01 -14.00
C LYS B 100 14.84 12.40 -13.41
N CYS B 101 14.11 12.76 -12.36
CA CYS B 101 14.30 13.99 -11.61
C CYS B 101 14.96 13.65 -10.26
N LYS B 102 16.10 14.28 -9.98
CA LYS B 102 16.85 14.08 -8.74
C LYS B 102 16.84 15.38 -7.93
N VAL B 103 16.36 15.29 -6.69
CA VAL B 103 16.11 16.45 -5.85
C VAL B 103 16.99 16.34 -4.62
N SER B 104 17.80 17.37 -4.37
CA SER B 104 18.73 17.36 -3.24
C SER B 104 18.41 18.52 -2.37
N ASN B 105 18.52 18.33 -1.06
CA ASN B 105 18.17 19.35 -0.10
C ASN B 105 18.64 18.86 1.25
N LYS B 106 19.05 19.76 2.13
CA LYS B 106 19.77 19.34 3.33
C LYS B 106 18.88 18.61 4.34
N ALA B 107 17.57 18.85 4.26
CA ALA B 107 16.61 18.15 5.14
C ALA B 107 16.37 16.69 4.73
N LEU B 108 16.88 16.26 3.57
CA LEU B 108 16.84 14.84 3.12
C LEU B 108 18.13 14.09 3.46
N PRO B 109 18.01 12.85 3.95
CA PRO B 109 19.20 12.09 4.21
C PRO B 109 19.91 11.71 2.92
N ALA B 110 19.18 11.59 1.82
CA ALA B 110 19.79 11.28 0.55
C ALA B 110 18.99 11.90 -0.56
N PRO B 111 19.60 12.19 -1.70
CA PRO B 111 18.72 12.72 -2.72
C PRO B 111 17.54 11.80 -3.02
N ILE B 112 16.39 12.39 -3.39
CA ILE B 112 15.23 11.66 -3.86
C ILE B 112 15.24 11.62 -5.41
N GLU B 113 15.03 10.41 -5.95
CA GLU B 113 14.98 10.16 -7.41
C GLU B 113 13.61 9.64 -7.78
N LYS B 114 12.94 10.35 -8.68
CA LYS B 114 11.71 9.86 -9.31
C LYS B 114 11.93 9.74 -10.83
N THR B 115 11.38 8.67 -11.41
CA THR B 115 11.50 8.42 -12.82
C THR B 115 10.10 8.31 -13.42
N ILE B 116 9.94 8.80 -14.65
CA ILE B 116 8.66 8.72 -15.32
C ILE B 116 8.90 8.43 -16.80
N SER B 117 7.98 7.66 -17.38
CA SER B 117 7.98 7.39 -18.80
C SER B 117 6.57 7.09 -19.22
N LYS B 118 6.37 6.98 -20.53
CA LYS B 118 5.10 6.54 -21.10
C LYS B 118 4.77 5.19 -20.48
N ALA B 119 3.50 4.90 -20.30
CA ALA B 119 3.04 3.59 -19.84
C ALA B 119 3.47 2.53 -20.84
N LYS B 120 3.81 1.37 -20.31
CA LYS B 120 4.35 0.30 -21.07
C LYS B 120 3.23 -0.63 -21.45
N GLY B 121 3.45 -1.40 -22.54
CA GLY B 121 2.47 -2.31 -23.12
C GLY B 121 2.16 -1.94 -24.57
N GLN B 122 1.75 -2.93 -25.35
CA GLN B 122 1.48 -2.71 -26.77
C GLN B 122 0.39 -1.65 -26.99
N PRO B 123 0.72 -0.56 -27.70
CA PRO B 123 -0.33 0.39 -28.03
C PRO B 123 -1.47 -0.18 -28.89
N ARG B 124 -2.70 0.22 -28.60
CA ARG B 124 -3.89 -0.25 -29.29
C ARG B 124 -4.76 0.88 -29.81
N GLU B 125 -5.21 0.76 -31.05
CA GLU B 125 -5.93 1.81 -31.73
C GLU B 125 -7.33 2.07 -31.13
N PRO B 126 -7.60 3.30 -30.74
CA PRO B 126 -8.98 3.64 -30.43
C PRO B 126 -9.96 3.43 -31.60
N GLN B 127 -11.09 2.80 -31.30
CA GLN B 127 -12.24 2.74 -32.20
C GLN B 127 -13.17 3.92 -31.85
N VAL B 128 -13.54 4.72 -32.84
CA VAL B 128 -14.28 5.94 -32.57
C VAL B 128 -15.65 5.92 -33.24
N TYR B 129 -16.70 5.96 -32.42
CA TYR B 129 -18.06 5.91 -32.92
C TYR B 129 -18.86 7.11 -32.46
N THR B 130 -19.56 7.76 -33.40
CA THR B 130 -20.47 8.82 -33.05
C THR B 130 -21.93 8.31 -32.94
N LEU B 131 -22.62 8.75 -31.88
CA LEU B 131 -24.01 8.38 -31.60
C LEU B 131 -24.88 9.65 -31.50
N PRO B 132 -25.94 9.70 -32.30
CA PRO B 132 -26.83 10.86 -32.25
C PRO B 132 -27.65 10.91 -30.97
N PRO B 133 -28.37 12.01 -30.74
CA PRO B 133 -29.16 12.11 -29.50
C PRO B 133 -30.32 11.13 -29.51
N SER B 134 -30.74 10.75 -28.31
CA SER B 134 -31.94 9.94 -28.12
C SER B 134 -33.18 10.64 -28.66
N ARG B 135 -34.09 9.85 -29.22
CA ARG B 135 -35.42 10.37 -29.59
C ARG B 135 -36.07 11.07 -28.39
N ASP B 136 -36.01 10.45 -27.22
CA ASP B 136 -36.64 11.07 -26.05
C ASP B 136 -35.98 12.39 -25.62
N GLU B 137 -34.71 12.65 -25.99
CA GLU B 137 -34.08 13.95 -25.70
C GLU B 137 -34.59 15.08 -26.59
N LEU B 138 -35.19 14.74 -27.74
CA LEU B 138 -35.46 15.73 -28.79
C LEU B 138 -36.71 16.60 -28.51
N THR B 139 -37.20 16.56 -27.27
CA THR B 139 -38.17 17.53 -26.78
C THR B 139 -37.50 18.64 -25.96
N LYS B 140 -36.24 18.47 -25.62
CA LYS B 140 -35.47 19.51 -24.89
C LYS B 140 -34.99 20.61 -25.83
N ASN B 141 -34.64 21.76 -25.26
CA ASN B 141 -34.09 22.85 -26.07
C ASN B 141 -32.67 22.56 -26.50
N GLN B 142 -31.96 21.80 -25.70
CA GLN B 142 -30.61 21.35 -26.06
C GLN B 142 -30.52 19.83 -26.12
N VAL B 143 -29.63 19.33 -27.00
CA VAL B 143 -29.42 17.90 -27.15
C VAL B 143 -27.96 17.48 -27.05
N SER B 144 -27.75 16.18 -26.87
CA SER B 144 -26.42 15.64 -26.60
C SER B 144 -25.93 14.79 -27.76
N LEU B 145 -24.74 15.14 -28.24
CA LEU B 145 -24.09 14.45 -29.29
C LEU B 145 -23.00 13.66 -28.57
N THR B 146 -22.96 12.35 -28.78
CA THR B 146 -22.08 11.47 -28.07
C THR B 146 -20.97 10.89 -28.96
N CYS B 147 -19.76 10.80 -28.41
CA CYS B 147 -18.62 10.20 -29.10
C CYS B 147 -18.07 9.11 -28.21
N LEU B 148 -18.21 7.87 -28.64
CA LEU B 148 -17.69 6.73 -27.90
C LEU B 148 -16.31 6.40 -28.47
N VAL B 149 -15.31 6.27 -27.59
CA VAL B 149 -13.94 5.94 -27.95
C VAL B 149 -13.50 4.75 -27.11
N LYS B 150 -13.23 3.62 -27.73
CA LYS B 150 -12.89 2.42 -26.99
C LYS B 150 -11.74 1.62 -27.66
N GLY B 151 -11.25 0.63 -26.91
CA GLY B 151 -10.20 -0.28 -27.38
C GLY B 151 -8.79 0.33 -27.35
N PHE B 152 -8.61 1.45 -26.66
CA PHE B 152 -7.36 2.11 -26.79
C PHE B 152 -6.39 1.79 -25.64
N TYR B 153 -5.10 1.75 -25.96
CA TYR B 153 -4.04 1.60 -24.95
C TYR B 153 -2.80 2.34 -25.45
N PRO B 154 -2.08 3.05 -24.58
CA PRO B 154 -2.35 3.40 -23.19
C PRO B 154 -3.44 4.46 -23.09
N SER B 155 -3.68 4.91 -21.85
CA SER B 155 -4.84 5.70 -21.49
C SER B 155 -4.74 7.16 -21.93
N ASP B 156 -3.56 7.58 -22.38
CA ASP B 156 -3.31 8.97 -22.79
C ASP B 156 -4.07 9.28 -24.05
N ILE B 157 -4.93 10.28 -23.99
CA ILE B 157 -5.79 10.58 -25.13
C ILE B 157 -6.31 12.00 -25.02
N ALA B 158 -6.70 12.57 -26.15
CA ALA B 158 -7.32 13.88 -26.16
C ALA B 158 -8.46 13.84 -27.15
N VAL B 159 -9.58 14.46 -26.76
CA VAL B 159 -10.78 14.51 -27.59
C VAL B 159 -11.29 15.93 -27.69
N GLU B 160 -11.74 16.31 -28.88
CA GLU B 160 -12.37 17.62 -29.09
C GLU B 160 -13.49 17.51 -30.12
N TRP B 161 -14.30 18.57 -30.21
CA TRP B 161 -15.38 18.65 -31.20
C TRP B 161 -15.26 19.87 -32.09
N GLU B 162 -15.57 19.72 -33.38
CA GLU B 162 -15.58 20.82 -34.33
C GLU B 162 -16.89 20.87 -35.10
N SER B 163 -17.16 21.99 -35.74
CA SER B 163 -18.19 22.08 -36.77
C SER B 163 -17.81 23.21 -37.71
N ASN B 164 -17.91 22.98 -39.00
CA ASN B 164 -17.63 24.00 -40.03
C ASN B 164 -16.28 24.70 -39.86
N GLY B 165 -15.26 23.90 -39.56
CA GLY B 165 -13.91 24.38 -39.40
C GLY B 165 -13.60 24.93 -38.01
N GLN B 166 -14.64 25.28 -37.26
CA GLN B 166 -14.47 26.00 -35.99
C GLN B 166 -14.64 25.04 -34.82
N PRO B 167 -13.90 25.27 -33.72
CA PRO B 167 -14.04 24.36 -32.58
C PRO B 167 -15.27 24.66 -31.76
N GLU B 168 -15.88 23.62 -31.21
CA GLU B 168 -17.06 23.75 -30.35
C GLU B 168 -16.59 23.67 -28.92
N ASN B 169 -17.10 24.52 -28.06
CA ASN B 169 -16.57 24.61 -26.70
C ASN B 169 -17.41 23.93 -25.61
N ASN B 170 -18.73 23.82 -25.86
CA ASN B 170 -19.68 23.26 -24.91
C ASN B 170 -19.71 21.71 -24.90
N TYR B 171 -18.58 21.08 -24.52
CA TYR B 171 -18.51 19.61 -24.38
C TYR B 171 -17.79 19.24 -23.10
N LYS B 172 -18.00 18.00 -22.63
CA LYS B 172 -17.30 17.44 -21.49
C LYS B 172 -16.99 15.99 -21.79
N THR B 173 -15.82 15.52 -21.35
CA THR B 173 -15.35 14.18 -21.69
C THR B 173 -15.07 13.42 -20.42
N THR B 174 -15.48 12.15 -20.32
CA THR B 174 -15.25 11.36 -19.13
C THR B 174 -13.77 11.04 -19.09
N PRO B 175 -13.22 10.70 -17.90
CA PRO B 175 -11.87 10.18 -17.96
C PRO B 175 -11.89 8.78 -18.57
N PRO B 176 -10.70 8.26 -18.91
CA PRO B 176 -10.57 6.92 -19.43
C PRO B 176 -10.91 5.91 -18.35
N VAL B 177 -11.53 4.80 -18.76
CA VAL B 177 -11.98 3.76 -17.83
C VAL B 177 -11.43 2.41 -18.30
N LEU B 178 -10.88 1.65 -17.37
CA LEU B 178 -10.32 0.33 -17.67
C LEU B 178 -11.48 -0.58 -18.06
N ASP B 179 -11.38 -1.16 -19.25
CA ASP B 179 -12.36 -2.13 -19.72
C ASP B 179 -11.90 -3.55 -19.31
N SER B 180 -12.73 -4.56 -19.53
CA SER B 180 -12.34 -5.91 -19.09
C SER B 180 -11.22 -6.57 -19.93
N ASP B 181 -10.90 -6.03 -21.10
CA ASP B 181 -9.84 -6.67 -21.92
C ASP B 181 -8.49 -5.95 -21.70
N GLY B 182 -8.43 -5.04 -20.72
CA GLY B 182 -7.20 -4.33 -20.42
C GLY B 182 -6.97 -3.07 -21.25
N SER B 183 -7.86 -2.81 -22.20
CA SER B 183 -7.86 -1.56 -22.94
C SER B 183 -8.75 -0.56 -22.22
N PHE B 184 -8.79 0.67 -22.71
CA PHE B 184 -9.58 1.76 -22.12
C PHE B 184 -10.72 2.26 -23.04
N PHE B 185 -11.76 2.85 -22.43
CA PHE B 185 -12.75 3.60 -23.19
C PHE B 185 -13.12 4.89 -22.51
N LEU B 186 -13.79 5.76 -23.26
CA LEU B 186 -14.40 6.96 -22.67
C LEU B 186 -15.53 7.44 -23.55
N TYR B 187 -16.27 8.43 -23.05
CA TYR B 187 -17.31 9.05 -23.84
C TYR B 187 -17.13 10.55 -23.81
N SER B 188 -17.42 11.21 -24.92
CA SER B 188 -17.44 12.66 -24.93
C SER B 188 -18.83 13.11 -25.31
N LYS B 189 -19.31 14.15 -24.62
CA LYS B 189 -20.65 14.67 -24.82
C LYS B 189 -20.60 16.15 -25.16
N LEU B 190 -21.14 16.50 -26.32
CA LEU B 190 -21.24 17.86 -26.80
C LEU B 190 -22.69 18.25 -26.75
N THR B 191 -23.01 19.34 -26.06
CA THR B 191 -24.35 19.86 -26.02
C THR B 191 -24.49 20.97 -27.05
N VAL B 192 -25.56 20.92 -27.83
CA VAL B 192 -25.80 21.92 -28.85
C VAL B 192 -27.28 22.27 -28.88
N ASP B 193 -27.59 23.50 -29.31
CA ASP B 193 -28.98 23.89 -29.49
C ASP B 193 -29.60 22.88 -30.41
N LYS B 194 -30.79 22.42 -30.06
CA LYS B 194 -31.49 21.48 -30.94
C LYS B 194 -31.67 22.04 -32.35
N SER B 195 -31.85 23.34 -32.47
CA SER B 195 -32.07 23.96 -33.79
C SER B 195 -30.91 23.60 -34.74
N ARG B 196 -29.68 23.56 -34.21
CA ARG B 196 -28.50 23.31 -35.02
C ARG B 196 -28.43 21.86 -35.46
N TRP B 197 -28.83 20.95 -34.59
CA TRP B 197 -28.95 19.56 -35.00
C TRP B 197 -30.02 19.39 -36.05
N GLN B 198 -31.18 19.98 -35.82
CA GLN B 198 -32.29 19.91 -36.76
C GLN B 198 -31.95 20.46 -38.16
N GLN B 199 -31.17 21.55 -38.22
CA GLN B 199 -30.83 22.20 -39.51
C GLN B 199 -29.86 21.42 -40.41
N GLY B 200 -29.24 20.35 -39.89
CA GLY B 200 -28.36 19.47 -40.68
C GLY B 200 -26.86 19.74 -40.55
N ASN B 201 -26.46 20.56 -39.59
CA ASN B 201 -25.04 20.85 -39.41
C ASN B 201 -24.23 19.60 -39.12
N VAL B 202 -23.05 19.51 -39.75
CA VAL B 202 -22.16 18.40 -39.52
C VAL B 202 -21.25 18.73 -38.34
N PHE B 203 -21.23 17.83 -37.36
CA PHE B 203 -20.34 17.91 -36.21
C PHE B 203 -19.32 16.80 -36.24
N SER B 204 -18.14 17.07 -35.72
CA SER B 204 -17.05 16.12 -35.75
C SER B 204 -16.42 15.93 -34.39
N CYS B 205 -16.11 14.69 -34.09
CA CYS B 205 -15.40 14.32 -32.88
C CYS B 205 -13.99 13.98 -33.32
N SER B 206 -12.99 14.68 -32.81
CA SER B 206 -11.60 14.41 -33.19
C SER B 206 -10.81 13.83 -32.01
N VAL B 207 -10.03 12.80 -32.33
CA VAL B 207 -9.32 12.04 -31.33
C VAL B 207 -7.86 12.00 -31.64
N MET B 208 -7.06 12.20 -30.62
CA MET B 208 -5.66 12.13 -30.73
C MET B 208 -5.21 11.07 -29.80
N HIS B 209 -4.46 10.12 -30.34
CA HIS B 209 -3.88 9.02 -29.61
C HIS B 209 -2.69 8.46 -30.38
N GLU B 210 -1.73 7.91 -29.65
CA GLU B 210 -0.50 7.43 -30.23
C GLU B 210 -0.71 6.37 -31.32
N ALA B 211 -1.67 5.47 -31.15
CA ALA B 211 -1.85 4.32 -32.04
C ALA B 211 -2.71 4.57 -33.27
N LEU B 212 -3.12 5.82 -33.50
CA LEU B 212 -3.67 6.25 -34.80
C LEU B 212 -2.50 6.67 -35.67
N HIS B 213 -2.67 6.59 -36.98
CA HIS B 213 -1.64 7.05 -37.88
C HIS B 213 -1.70 8.55 -37.84
N ASN B 214 -0.54 9.20 -37.83
CA ASN B 214 -0.42 10.65 -37.48
C ASN B 214 -1.01 11.06 -36.12
N HIS B 215 -1.34 10.10 -35.27
CA HIS B 215 -1.89 10.38 -33.97
C HIS B 215 -3.21 11.16 -33.99
N TYR B 216 -4.00 11.05 -35.05
CA TYR B 216 -5.20 11.85 -35.20
C TYR B 216 -6.22 11.11 -36.03
N THR B 217 -7.48 11.06 -35.57
CA THR B 217 -8.58 10.64 -36.44
C THR B 217 -9.79 11.54 -36.14
N GLN B 218 -10.80 11.45 -37.00
CA GLN B 218 -11.96 12.32 -36.91
C GLN B 218 -13.18 11.57 -37.44
N LYS B 219 -14.29 11.57 -36.68
CA LYS B 219 -15.55 11.00 -37.14
C LYS B 219 -16.67 12.02 -37.08
N SER B 220 -17.54 12.00 -38.09
CA SER B 220 -18.63 12.96 -38.18
C SER B 220 -20.00 12.40 -37.80
N LEU B 221 -20.97 13.31 -37.68
CA LEU B 221 -22.30 13.07 -37.11
C LEU B 221 -23.20 14.21 -37.57
N SER B 222 -24.35 13.87 -38.16
CA SER B 222 -25.33 14.85 -38.60
C SER B 222 -26.70 14.19 -38.75
N LEU B 223 -27.76 14.98 -38.59
CA LEU B 223 -29.11 14.46 -38.87
C LEU B 223 -29.19 14.28 -40.39
N SER B 224 -29.56 13.11 -40.88
CA SER B 224 -29.50 12.87 -42.31
C SER B 224 -30.54 13.74 -43.09
N PRO B 225 -30.29 13.98 -44.38
CA PRO B 225 -31.18 14.84 -45.18
C PRO B 225 -32.47 14.19 -45.65
N GLY B 226 -33.42 15.01 -46.09
CA GLY B 226 -34.56 14.55 -46.87
C GLY B 226 -35.81 14.28 -46.06
N GLY C 16 0.13 6.22 21.90
CA GLY C 16 0.89 6.67 20.69
C GLY C 16 0.00 7.28 19.63
N GLY C 17 -1.16 6.66 19.40
CA GLY C 17 -2.12 7.21 18.47
C GLY C 17 -2.77 6.20 17.55
N PRO C 18 -3.89 5.62 17.99
CA PRO C 18 -4.79 5.01 17.00
C PRO C 18 -5.30 6.07 16.06
N SER C 19 -5.75 5.67 14.86
CA SER C 19 -6.38 6.57 13.89
C SER C 19 -7.82 6.11 13.61
N VAL C 20 -8.69 7.05 13.27
CA VAL C 20 -10.10 6.80 13.02
C VAL C 20 -10.52 7.20 11.60
N PHE C 21 -11.32 6.33 10.97
CA PHE C 21 -11.91 6.54 9.66
C PHE C 21 -13.42 6.24 9.71
N LEU C 22 -14.21 7.13 9.11
CA LEU C 22 -15.67 7.10 9.20
C LEU C 22 -16.28 7.02 7.80
N PHE C 23 -16.87 5.88 7.48
CA PHE C 23 -17.34 5.58 6.12
C PHE C 23 -18.87 5.70 5.94
N PRO C 24 -19.32 6.29 4.82
CA PRO C 24 -20.73 6.45 4.52
C PRO C 24 -21.31 5.13 4.12
N PRO C 25 -22.63 5.08 3.95
CA PRO C 25 -23.26 3.85 3.47
C PRO C 25 -23.09 3.72 1.95
N LYS C 26 -23.35 2.54 1.42
CA LYS C 26 -23.24 2.32 -0.03
C LYS C 26 -24.44 3.01 -0.63
N PRO C 27 -24.24 3.74 -1.72
CA PRO C 27 -25.37 4.43 -2.30
C PRO C 27 -26.59 3.56 -2.56
N LYS C 28 -26.38 2.35 -3.08
CA LYS C 28 -27.46 1.43 -3.36
C LYS C 28 -28.28 1.04 -2.10
N ASP C 29 -27.61 0.96 -0.95
CA ASP C 29 -28.31 0.64 0.31
C ASP C 29 -29.23 1.78 0.73
N THR C 30 -28.86 3.02 0.41
CA THR C 30 -29.68 4.20 0.75
C THR C 30 -30.89 4.42 -0.20
N LEU C 31 -30.83 3.85 -1.40
CA LEU C 31 -31.84 4.12 -2.41
C LEU C 31 -32.84 3.01 -2.57
N MET C 32 -32.68 1.93 -1.80
CA MET C 32 -33.60 0.79 -1.85
C MET C 32 -34.10 0.55 -0.43
N ILE C 33 -35.41 0.63 -0.29
CA ILE C 33 -36.03 0.63 1.01
C ILE C 33 -35.94 -0.77 1.61
N SER C 34 -35.74 -1.76 0.76
CA SER C 34 -35.51 -3.16 1.21
C SER C 34 -34.16 -3.40 1.88
N ARG C 35 -33.19 -2.53 1.65
CA ARG C 35 -31.83 -2.71 2.19
C ARG C 35 -31.65 -2.03 3.55
N THR C 36 -30.51 -2.29 4.19
CA THR C 36 -30.13 -1.73 5.49
C THR C 36 -28.82 -0.91 5.37
N PRO C 37 -28.91 0.37 5.05
CA PRO C 37 -27.68 1.16 4.98
C PRO C 37 -27.05 1.37 6.35
N GLU C 38 -25.73 1.48 6.38
CA GLU C 38 -24.94 1.53 7.61
C GLU C 38 -23.84 2.56 7.49
N VAL C 39 -23.48 3.19 8.61
CA VAL C 39 -22.27 4.01 8.72
C VAL C 39 -21.24 3.18 9.49
N THR C 40 -19.95 3.24 9.09
CA THR C 40 -18.91 2.33 9.63
C THR C 40 -17.72 3.09 10.23
N CYS C 41 -17.52 2.96 11.54
CA CYS C 41 -16.41 3.69 12.19
C CYS C 41 -15.26 2.71 12.40
N VAL C 42 -14.12 2.94 11.76
CA VAL C 42 -12.99 2.01 11.84
C VAL C 42 -11.83 2.66 12.61
N VAL C 43 -11.26 1.94 13.58
CA VAL C 43 -10.14 2.44 14.38
C VAL C 43 -8.95 1.52 14.16
N VAL C 44 -7.85 2.04 13.67
CA VAL C 44 -6.68 1.20 13.40
C VAL C 44 -5.53 1.62 14.29
N ASP C 45 -4.44 0.84 14.23
CA ASP C 45 -3.25 1.02 15.04
C ASP C 45 -3.53 0.96 16.55
N VAL C 46 -4.52 0.16 16.94
CA VAL C 46 -4.71 -0.15 18.35
C VAL C 46 -3.65 -1.18 18.76
N SER C 47 -3.07 -1.03 19.95
CA SER C 47 -2.00 -1.96 20.35
C SER C 47 -2.58 -3.09 21.19
N HIS C 48 -1.84 -4.21 21.24
CA HIS C 48 -2.25 -5.38 22.05
C HIS C 48 -2.47 -4.98 23.48
N GLU C 49 -1.63 -4.06 23.97
CA GLU C 49 -1.73 -3.57 25.34
C GLU C 49 -2.94 -2.66 25.57
N ASP C 50 -3.38 -1.92 24.55
CA ASP C 50 -4.42 -0.91 24.75
C ASP C 50 -5.68 -1.55 25.31
N PRO C 51 -6.35 -0.86 26.27
CA PRO C 51 -7.64 -1.34 26.77
C PRO C 51 -8.78 -1.14 25.77
N GLU C 52 -9.98 -1.53 26.17
CA GLU C 52 -11.12 -1.50 25.28
C GLU C 52 -11.22 -0.16 24.54
N VAL C 53 -11.52 -0.23 23.24
CA VAL C 53 -11.80 0.96 22.45
C VAL C 53 -13.30 1.20 22.55
N LYS C 54 -13.69 2.36 23.11
CA LYS C 54 -15.09 2.70 23.39
C LYS C 54 -15.67 3.62 22.32
N PHE C 55 -16.94 3.38 21.98
CA PHE C 55 -17.67 4.11 20.94
C PHE C 55 -18.92 4.77 21.51
N ASN C 56 -19.05 6.07 21.32
CA ASN C 56 -20.31 6.74 21.53
C ASN C 56 -20.73 7.28 20.17
N TRP C 57 -22.02 7.18 19.86
CA TRP C 57 -22.55 7.57 18.56
C TRP C 57 -23.62 8.61 18.72
N TYR C 58 -23.64 9.60 17.83
CA TYR C 58 -24.67 10.65 17.84
C TYR C 58 -25.34 10.84 16.48
N VAL C 59 -26.64 11.17 16.52
CA VAL C 59 -27.44 11.54 15.35
C VAL C 59 -27.94 12.97 15.58
N ASP C 60 -27.57 13.87 14.67
CA ASP C 60 -27.77 15.31 14.89
C ASP C 60 -27.54 15.68 16.35
N GLY C 61 -26.43 15.24 16.93
CA GLY C 61 -26.06 15.61 18.30
C GLY C 61 -26.78 14.91 19.46
N VAL C 62 -27.67 13.97 19.14
CA VAL C 62 -28.42 13.19 20.16
C VAL C 62 -27.86 11.76 20.21
N GLU C 63 -27.40 11.35 21.38
CA GLU C 63 -26.77 10.04 21.51
C GLU C 63 -27.77 8.90 21.24
N VAL C 64 -27.27 7.86 20.57
CA VAL C 64 -28.02 6.65 20.29
C VAL C 64 -27.20 5.44 20.76
N HIS C 65 -27.89 4.34 21.06
CA HIS C 65 -27.29 3.18 21.71
C HIS C 65 -27.47 1.88 20.95
N ASN C 66 -27.73 1.98 19.63
CA ASN C 66 -27.94 0.76 18.83
C ASN C 66 -26.80 0.42 17.85
N ALA C 67 -25.64 1.03 18.05
CA ALA C 67 -24.43 0.66 17.32
C ALA C 67 -24.00 -0.77 17.66
N LYS C 68 -23.51 -1.50 16.66
CA LYS C 68 -22.94 -2.81 16.91
C LYS C 68 -21.40 -2.75 16.77
N THR C 69 -20.69 -2.88 17.88
CA THR C 69 -19.24 -2.80 17.89
C THR C 69 -18.62 -4.20 17.93
N LYS C 70 -17.63 -4.45 17.07
CA LYS C 70 -17.07 -5.81 16.91
C LYS C 70 -15.88 -5.97 17.80
N PRO C 71 -15.50 -7.22 18.08
CA PRO C 71 -14.26 -7.46 18.81
C PRO C 71 -13.04 -7.04 18.01
N ARG C 72 -12.01 -6.59 18.72
CA ARG C 72 -10.73 -6.28 18.11
C ARG C 72 -10.19 -7.49 17.33
N GLU C 73 -9.56 -7.21 16.20
CA GLU C 73 -9.05 -8.23 15.31
C GLU C 73 -7.61 -7.92 14.93
N GLU C 74 -6.71 -8.85 15.25
CA GLU C 74 -5.31 -8.66 15.01
C GLU C 74 -5.08 -8.69 13.51
N GLN C 75 -4.40 -7.66 13.03
CA GLN C 75 -4.01 -7.54 11.64
C GLN C 75 -2.64 -8.19 11.40
N TYR C 76 -2.32 -8.41 10.13
CA TYR C 76 -1.05 -9.04 9.75
C TYR C 76 0.16 -8.26 10.26
N ASN C 77 0.04 -6.93 10.40
CA ASN C 77 1.10 -6.12 10.99
C ASN C 77 1.16 -6.13 12.53
N SER C 78 0.48 -7.07 13.19
CA SER C 78 0.50 -7.19 14.66
C SER C 78 -0.20 -6.05 15.44
N THR C 79 -0.83 -5.12 14.74
CA THR C 79 -1.68 -4.11 15.38
C THR C 79 -3.09 -4.62 15.40
N TYR C 80 -3.98 -3.91 16.09
CA TYR C 80 -5.37 -4.31 16.13
C TYR C 80 -6.25 -3.32 15.38
N ARG C 81 -7.41 -3.81 14.99
CA ARG C 81 -8.41 -3.03 14.25
C ARG C 81 -9.78 -3.35 14.87
N VAL C 82 -10.57 -2.28 15.07
CA VAL C 82 -11.87 -2.35 15.72
C VAL C 82 -12.89 -1.58 14.89
N VAL C 83 -14.01 -2.21 14.59
CA VAL C 83 -15.04 -1.62 13.77
C VAL C 83 -16.32 -1.47 14.57
N SER C 84 -16.94 -0.30 14.47
CA SER C 84 -18.31 -0.14 15.00
C SER C 84 -19.23 0.26 13.88
N VAL C 85 -20.39 -0.41 13.80
CA VAL C 85 -21.37 -0.19 12.72
C VAL C 85 -22.69 0.31 13.27
N LEU C 86 -23.18 1.42 12.72
CA LEU C 86 -24.45 2.01 13.14
C LEU C 86 -25.40 1.98 11.95
N THR C 87 -26.54 1.30 12.11
CA THR C 87 -27.56 1.31 11.07
C THR C 87 -28.11 2.71 10.96
N VAL C 88 -28.32 3.17 9.73
CA VAL C 88 -29.02 4.44 9.51
C VAL C 88 -30.36 4.21 8.82
N LEU C 89 -31.36 5.00 9.22
CA LEU C 89 -32.70 4.89 8.65
C LEU C 89 -32.78 5.65 7.33
N HIS C 90 -33.48 5.05 6.36
CA HIS C 90 -33.70 5.56 5.01
C HIS C 90 -34.02 7.03 4.98
N GLN C 91 -35.03 7.48 5.70
CA GLN C 91 -35.41 8.90 5.56
C GLN C 91 -34.42 9.82 6.31
N ASP C 92 -33.86 9.34 7.41
CA ASP C 92 -32.80 10.10 8.12
C ASP C 92 -31.60 10.38 7.26
N TRP C 93 -31.10 9.38 6.55
CA TRP C 93 -29.94 9.60 5.71
C TRP C 93 -30.30 10.56 4.61
N LEU C 94 -31.36 10.26 3.86
CA LEU C 94 -31.79 11.16 2.76
C LEU C 94 -32.25 12.58 3.19
N ASN C 95 -32.72 12.76 4.41
CA ASN C 95 -33.05 14.10 4.93
C ASN C 95 -31.81 14.87 5.44
N GLY C 96 -30.63 14.24 5.43
CA GLY C 96 -29.38 14.98 5.67
C GLY C 96 -28.85 14.98 7.10
N LYS C 97 -29.32 14.03 7.91
CA LYS C 97 -28.93 14.01 9.30
C LYS C 97 -27.46 13.63 9.35
N GLU C 98 -26.81 14.05 10.43
CA GLU C 98 -25.38 13.91 10.61
C GLU C 98 -25.07 12.86 11.65
N TYR C 99 -24.14 12.00 11.32
CA TYR C 99 -23.74 10.90 12.17
C TYR C 99 -22.33 11.14 12.70
N LYS C 100 -22.20 11.12 14.03
CA LYS C 100 -20.93 11.37 14.69
C LYS C 100 -20.48 10.16 15.48
N CYS C 101 -19.27 9.69 15.17
CA CYS C 101 -18.60 8.62 15.89
C CYS C 101 -17.55 9.19 16.83
N LYS C 102 -17.61 8.82 18.10
CA LYS C 102 -16.66 9.30 19.10
C LYS C 102 -15.88 8.14 19.69
N VAL C 103 -14.57 8.19 19.50
CA VAL C 103 -13.71 7.10 19.91
C VAL C 103 -12.91 7.49 21.17
N SER C 104 -13.02 6.68 22.22
CA SER C 104 -12.27 6.91 23.47
C SER C 104 -11.34 5.75 23.80
N ASN C 105 -10.15 6.08 24.29
CA ASN C 105 -9.19 5.07 24.76
C ASN C 105 -8.01 5.73 25.47
N LYS C 106 -7.38 4.99 26.39
CA LYS C 106 -6.22 5.47 27.13
C LYS C 106 -5.06 5.93 26.22
N ALA C 107 -4.84 5.23 25.10
CA ALA C 107 -3.80 5.59 24.13
C ALA C 107 -4.06 6.92 23.40
N LEU C 108 -5.24 7.50 23.60
CA LEU C 108 -5.64 8.80 23.04
C LEU C 108 -5.74 9.86 24.15
N PRO C 109 -4.99 10.96 24.01
CA PRO C 109 -5.09 12.02 25.03
C PRO C 109 -6.49 12.66 25.10
N ALA C 110 -7.17 12.77 23.96
CA ALA C 110 -8.50 13.35 23.86
C ALA C 110 -9.34 12.42 22.97
N PRO C 111 -10.65 12.29 23.23
CA PRO C 111 -11.38 11.42 22.30
C PRO C 111 -11.35 11.99 20.87
N ILE C 112 -11.37 11.12 19.86
CA ILE C 112 -11.43 11.56 18.46
C ILE C 112 -12.86 11.48 17.93
N GLU C 113 -13.32 12.57 17.32
CA GLU C 113 -14.66 12.68 16.79
C GLU C 113 -14.61 12.78 15.28
N LYS C 114 -15.50 12.06 14.59
CA LYS C 114 -15.68 12.20 13.15
C LYS C 114 -17.17 12.33 12.85
N THR C 115 -17.50 13.20 11.89
CA THR C 115 -18.89 13.38 11.48
C THR C 115 -19.01 13.10 9.98
N ILE C 116 -20.19 12.65 9.58
CA ILE C 116 -20.47 12.35 8.18
C ILE C 116 -21.99 12.49 7.92
N SER C 117 -22.33 12.92 6.70
CA SER C 117 -23.71 12.96 6.24
C SER C 117 -23.76 12.93 4.71
N LYS C 118 -24.97 12.83 4.18
CA LYS C 118 -25.22 12.93 2.74
C LYS C 118 -24.66 14.27 2.22
N ALA C 119 -24.06 14.24 1.04
CA ALA C 119 -23.66 15.45 0.33
C ALA C 119 -24.85 16.40 0.24
N LYS C 120 -24.60 17.68 0.48
CA LYS C 120 -25.64 18.70 0.61
C LYS C 120 -25.82 19.44 -0.71
N GLY C 121 -26.85 20.27 -0.79
CA GLY C 121 -27.23 20.91 -2.07
C GLY C 121 -28.57 20.40 -2.58
N GLN C 122 -29.24 21.16 -3.44
CA GLN C 122 -30.57 20.79 -3.88
C GLN C 122 -30.49 19.57 -4.81
N PRO C 123 -31.18 18.49 -4.45
CA PRO C 123 -31.26 17.33 -5.35
C PRO C 123 -31.80 17.67 -6.71
N ARG C 124 -31.32 16.99 -7.73
CA ARG C 124 -31.84 17.14 -9.08
C ARG C 124 -31.94 15.77 -9.69
N GLU C 125 -32.97 15.59 -10.50
CA GLU C 125 -33.37 14.30 -11.02
C GLU C 125 -32.60 14.07 -12.30
N PRO C 126 -31.94 12.92 -12.44
CA PRO C 126 -31.35 12.66 -13.73
C PRO C 126 -32.42 12.41 -14.80
N GLN C 127 -32.06 12.74 -16.04
CA GLN C 127 -32.69 12.14 -17.20
C GLN C 127 -31.84 10.99 -17.71
N VAL C 128 -32.49 9.96 -18.26
CA VAL C 128 -31.83 8.71 -18.64
C VAL C 128 -32.17 8.35 -20.08
N TYR C 129 -31.15 8.17 -20.92
CA TYR C 129 -31.36 7.95 -22.35
C TYR C 129 -30.55 6.76 -22.80
N THR C 130 -31.14 5.86 -23.57
CA THR C 130 -30.42 4.70 -24.07
C THR C 130 -30.14 4.98 -25.51
N LEU C 131 -28.89 4.73 -25.92
CA LEU C 131 -28.43 4.93 -27.29
C LEU C 131 -27.97 3.60 -27.93
N PRO C 132 -28.49 3.25 -29.09
CA PRO C 132 -28.05 1.97 -29.70
C PRO C 132 -26.59 2.04 -30.17
N PRO C 133 -26.02 0.87 -30.53
CA PRO C 133 -24.71 0.88 -31.14
C PRO C 133 -24.71 1.61 -32.47
N SER C 134 -23.56 2.17 -32.83
CA SER C 134 -23.39 2.84 -34.11
C SER C 134 -23.37 1.81 -35.22
N ARG C 135 -23.92 2.19 -36.37
CA ARG C 135 -23.79 1.36 -37.59
C ARG C 135 -22.34 0.90 -37.81
N ASP C 136 -21.37 1.79 -37.58
CA ASP C 136 -19.95 1.44 -37.81
C ASP C 136 -19.48 0.30 -36.92
N GLU C 137 -20.00 0.20 -35.71
CA GLU C 137 -19.57 -0.89 -34.82
C GLU C 137 -20.13 -2.29 -35.23
N LEU C 138 -21.14 -2.31 -36.12
CA LEU C 138 -21.88 -3.55 -36.43
C LEU C 138 -21.11 -4.50 -37.38
N THR C 139 -19.85 -4.16 -37.67
CA THR C 139 -18.94 -5.10 -38.25
C THR C 139 -18.16 -5.94 -37.20
N LYS C 140 -18.16 -5.54 -35.92
CA LYS C 140 -17.42 -6.31 -34.90
C LYS C 140 -18.27 -7.48 -34.40
N ASN C 141 -17.62 -8.42 -33.70
CA ASN C 141 -18.31 -9.54 -33.04
C ASN C 141 -19.12 -9.13 -31.80
N GLN C 142 -18.74 -8.05 -31.16
CA GLN C 142 -19.52 -7.48 -30.05
C GLN C 142 -19.80 -6.00 -30.31
N VAL C 143 -20.92 -5.54 -29.78
CA VAL C 143 -21.36 -4.18 -29.98
C VAL C 143 -21.60 -3.54 -28.62
N SER C 144 -21.67 -2.20 -28.59
CA SER C 144 -21.78 -1.45 -27.34
C SER C 144 -23.16 -0.84 -27.26
N LEU C 145 -23.87 -1.12 -26.17
CA LEU C 145 -25.11 -0.41 -25.84
C LEU C 145 -24.81 0.63 -24.78
N THR C 146 -25.28 1.84 -24.98
CA THR C 146 -24.89 2.97 -24.13
C THR C 146 -26.06 3.49 -23.35
N CYS C 147 -25.83 3.85 -22.09
CA CYS C 147 -26.85 4.47 -21.27
C CYS C 147 -26.32 5.79 -20.75
N LEU C 148 -26.91 6.89 -21.19
CA LEU C 148 -26.54 8.24 -20.79
C LEU C 148 -27.44 8.68 -19.66
N VAL C 149 -26.83 9.03 -18.54
CA VAL C 149 -27.51 9.53 -17.36
C VAL C 149 -26.98 10.91 -17.13
N LYS C 150 -27.79 11.95 -17.29
CA LYS C 150 -27.31 13.31 -17.12
C LYS C 150 -28.23 14.18 -16.28
N GLY C 151 -27.66 15.25 -15.73
CA GLY C 151 -28.40 16.27 -15.00
C GLY C 151 -28.70 15.96 -13.55
N PHE C 152 -27.97 15.03 -12.93
CA PHE C 152 -28.26 14.64 -11.55
C PHE C 152 -27.36 15.33 -10.53
N TYR C 153 -27.90 15.52 -9.33
CA TYR C 153 -27.16 15.96 -8.19
C TYR C 153 -27.87 15.41 -6.96
N PRO C 154 -27.12 15.02 -5.91
CA PRO C 154 -25.67 14.89 -5.80
C PRO C 154 -25.18 13.71 -6.63
N SER C 155 -23.87 13.44 -6.56
CA SER C 155 -23.21 12.54 -7.47
C SER C 155 -23.39 11.09 -7.13
N ASP C 156 -23.87 10.80 -5.93
CA ASP C 156 -24.17 9.41 -5.52
C ASP C 156 -25.15 8.76 -6.45
N ILE C 157 -24.81 7.57 -6.95
CA ILE C 157 -25.66 6.91 -7.96
C ILE C 157 -25.26 5.44 -8.16
N ALA C 158 -26.20 4.63 -8.65
CA ALA C 158 -25.90 3.24 -9.02
C ALA C 158 -26.56 2.97 -10.36
N VAL C 159 -25.86 2.25 -11.25
CA VAL C 159 -26.37 1.90 -12.56
C VAL C 159 -26.10 0.40 -12.79
N GLU C 160 -27.09 -0.30 -13.33
CA GLU C 160 -26.95 -1.72 -13.64
C GLU C 160 -27.64 -2.01 -14.97
N TRP C 161 -27.42 -3.20 -15.50
CA TRP C 161 -28.10 -3.62 -16.71
C TRP C 161 -28.69 -4.99 -16.55
N GLU C 162 -29.85 -5.21 -17.19
CA GLU C 162 -30.60 -6.46 -17.12
C GLU C 162 -31.06 -6.82 -18.50
N SER C 163 -31.39 -8.09 -18.72
CA SER C 163 -32.14 -8.51 -19.89
C SER C 163 -32.97 -9.76 -19.57
N ASN C 164 -34.18 -9.83 -20.13
CA ASN C 164 -35.05 -10.98 -19.91
C ASN C 164 -35.01 -11.47 -18.46
N GLY C 165 -35.08 -10.55 -17.50
CA GLY C 165 -35.16 -10.89 -16.08
C GLY C 165 -33.87 -11.25 -15.34
N GLN C 166 -32.69 -11.02 -15.92
CA GLN C 166 -31.43 -11.41 -15.27
C GLN C 166 -30.31 -10.42 -15.50
N PRO C 167 -29.51 -10.15 -14.45
CA PRO C 167 -28.46 -9.14 -14.61
C PRO C 167 -27.55 -9.45 -15.79
N GLU C 168 -27.16 -8.43 -16.51
CA GLU C 168 -26.10 -8.53 -17.50
C GLU C 168 -24.83 -8.08 -16.82
N ASN C 169 -23.76 -8.86 -16.92
CA ASN C 169 -22.52 -8.66 -16.13
C ASN C 169 -21.40 -7.84 -16.85
N ASN C 170 -21.36 -7.96 -18.18
CA ASN C 170 -20.32 -7.37 -19.00
C ASN C 170 -20.51 -5.85 -19.29
N TYR C 171 -20.47 -5.04 -18.25
CA TYR C 171 -20.64 -3.59 -18.40
C TYR C 171 -19.70 -2.84 -17.49
N LYS C 172 -19.51 -1.56 -17.84
CA LYS C 172 -18.64 -0.66 -17.17
C LYS C 172 -19.26 0.72 -17.28
N THR C 173 -19.07 1.52 -16.22
CA THR C 173 -19.75 2.79 -16.07
C THR C 173 -18.71 3.79 -15.69
N THR C 174 -18.70 4.93 -16.37
CA THR C 174 -17.71 5.95 -16.11
C THR C 174 -18.06 6.56 -14.75
N PRO C 175 -17.11 7.24 -14.10
CA PRO C 175 -17.52 7.96 -12.92
C PRO C 175 -18.39 9.15 -13.29
N PRO C 176 -19.08 9.74 -12.30
CA PRO C 176 -19.76 11.00 -12.55
C PRO C 176 -18.77 12.08 -12.95
N VAL C 177 -19.16 12.96 -13.85
CA VAL C 177 -18.32 14.08 -14.33
C VAL C 177 -19.15 15.36 -14.17
N LEU C 178 -18.53 16.44 -13.71
CA LEU C 178 -19.22 17.70 -13.49
C LEU C 178 -19.53 18.31 -14.82
N ASP C 179 -20.81 18.53 -15.07
CA ASP C 179 -21.22 19.23 -16.27
C ASP C 179 -21.18 20.74 -16.03
N SER C 180 -21.42 21.54 -17.08
CA SER C 180 -21.19 22.99 -17.00
C SER C 180 -22.27 23.72 -16.23
N ASP C 181 -23.33 23.04 -15.83
CA ASP C 181 -24.39 23.66 -15.03
C ASP C 181 -24.36 23.21 -13.55
N GLY C 182 -23.27 22.60 -13.10
CA GLY C 182 -23.18 22.12 -11.70
C GLY C 182 -23.79 20.74 -11.40
N SER C 183 -24.54 20.18 -12.35
CA SER C 183 -25.07 18.82 -12.22
C SER C 183 -24.01 17.83 -12.70
N PHE C 184 -24.22 16.54 -12.45
CA PHE C 184 -23.34 15.47 -12.94
C PHE C 184 -23.98 14.67 -14.07
N PHE C 185 -23.14 14.09 -14.93
CA PHE C 185 -23.55 13.09 -15.92
C PHE C 185 -22.64 11.89 -15.89
N LEU C 186 -23.11 10.77 -16.39
CA LEU C 186 -22.24 9.63 -16.63
C LEU C 186 -22.74 8.84 -17.83
N TYR C 187 -21.93 7.89 -18.29
CA TYR C 187 -22.35 7.00 -19.34
C TYR C 187 -22.06 5.57 -18.87
N SER C 188 -22.95 4.65 -19.21
CA SER C 188 -22.70 3.24 -18.93
C SER C 188 -22.69 2.46 -20.25
N LYS C 189 -21.72 1.55 -20.39
CA LYS C 189 -21.52 0.77 -21.61
C LYS C 189 -21.71 -0.72 -21.30
N LEU C 190 -22.69 -1.33 -21.97
CA LEU C 190 -22.92 -2.77 -21.91
C LEU C 190 -22.42 -3.34 -23.21
N THR C 191 -21.56 -4.34 -23.12
CA THR C 191 -21.02 -5.04 -24.27
C THR C 191 -21.74 -6.41 -24.40
N VAL C 192 -22.23 -6.73 -25.61
CA VAL C 192 -22.99 -7.94 -25.87
C VAL C 192 -22.63 -8.49 -27.24
N ASP C 193 -22.82 -9.78 -27.41
CA ASP C 193 -22.55 -10.39 -28.69
C ASP C 193 -23.42 -9.74 -29.76
N LYS C 194 -22.87 -9.51 -30.95
CA LYS C 194 -23.66 -8.86 -31.98
C LYS C 194 -24.93 -9.64 -32.25
N SER C 195 -24.80 -10.95 -32.39
CA SER C 195 -25.95 -11.81 -32.69
C SER C 195 -27.15 -11.49 -31.77
N ARG C 196 -26.89 -11.37 -30.46
CA ARG C 196 -27.92 -11.08 -29.45
C ARG C 196 -28.64 -9.75 -29.64
N TRP C 197 -27.94 -8.76 -30.21
CA TRP C 197 -28.54 -7.47 -30.54
C TRP C 197 -29.43 -7.58 -31.73
N GLN C 198 -28.93 -8.22 -32.81
CA GLN C 198 -29.68 -8.33 -34.08
C GLN C 198 -30.88 -9.24 -33.95
N GLN C 199 -30.81 -10.23 -33.07
CA GLN C 199 -31.96 -11.12 -32.83
C GLN C 199 -33.11 -10.46 -32.05
N GLY C 200 -32.95 -9.19 -31.64
CA GLY C 200 -34.08 -8.42 -31.11
C GLY C 200 -34.27 -8.43 -29.59
N ASN C 201 -33.28 -8.92 -28.85
CA ASN C 201 -33.37 -8.95 -27.39
C ASN C 201 -33.45 -7.55 -26.82
N VAL C 202 -34.19 -7.45 -25.72
CA VAL C 202 -34.47 -6.20 -25.05
C VAL C 202 -33.56 -6.11 -23.86
N PHE C 203 -32.86 -5.00 -23.76
CA PHE C 203 -31.96 -4.75 -22.64
C PHE C 203 -32.46 -3.53 -21.92
N SER C 204 -32.05 -3.35 -20.67
CA SER C 204 -32.54 -2.23 -19.95
C SER C 204 -31.51 -1.73 -19.01
N CYS C 205 -31.47 -0.43 -18.89
CA CYS C 205 -30.54 0.25 -18.08
C CYS C 205 -31.31 0.71 -16.86
N SER C 206 -30.89 0.32 -15.67
CA SER C 206 -31.62 0.73 -14.48
C SER C 206 -30.75 1.58 -13.62
N VAL C 207 -31.26 2.77 -13.31
CA VAL C 207 -30.56 3.80 -12.61
C VAL C 207 -31.25 4.06 -11.26
N MET C 208 -30.45 4.15 -10.21
CA MET C 208 -30.94 4.50 -8.90
C MET C 208 -30.29 5.81 -8.48
N HIS C 209 -31.12 6.77 -8.12
CA HIS C 209 -30.65 8.05 -7.67
C HIS C 209 -31.70 8.68 -6.83
N GLU C 210 -31.25 9.29 -5.76
CA GLU C 210 -32.07 9.99 -4.78
C GLU C 210 -33.34 10.68 -5.35
N ALA C 211 -33.18 11.50 -6.37
CA ALA C 211 -34.20 12.41 -6.87
C ALA C 211 -35.17 11.83 -7.87
N LEU C 212 -34.97 10.60 -8.32
CA LEU C 212 -35.99 9.95 -9.16
C LEU C 212 -37.17 9.58 -8.24
N HIS C 213 -38.36 9.40 -8.81
CA HIS C 213 -39.48 9.01 -8.01
C HIS C 213 -39.21 7.60 -7.53
N ASN C 214 -39.30 7.42 -6.22
CA ASN C 214 -38.88 6.18 -5.57
C ASN C 214 -37.42 5.81 -5.78
N HIS C 215 -36.61 6.81 -6.09
CA HIS C 215 -35.16 6.62 -6.23
C HIS C 215 -34.74 5.67 -7.32
N TYR C 216 -35.61 5.40 -8.30
CA TYR C 216 -35.19 4.60 -9.44
C TYR C 216 -35.96 4.85 -10.75
N THR C 217 -35.32 4.50 -11.86
CA THR C 217 -35.98 4.44 -13.16
C THR C 217 -35.28 3.36 -13.98
N GLN C 218 -35.96 2.88 -15.02
CA GLN C 218 -35.41 1.88 -15.95
C GLN C 218 -35.77 2.25 -17.39
N LYS C 219 -34.80 2.18 -18.29
CA LYS C 219 -35.02 2.47 -19.69
C LYS C 219 -34.60 1.28 -20.50
N SER C 220 -35.39 0.98 -21.54
CA SER C 220 -35.12 -0.17 -22.42
C SER C 220 -34.43 0.25 -23.71
N LEU C 221 -33.91 -0.75 -24.43
CA LEU C 221 -33.13 -0.58 -25.64
C LEU C 221 -33.17 -1.90 -26.40
N SER C 222 -33.58 -1.86 -27.67
CA SER C 222 -33.64 -3.06 -28.51
C SER C 222 -33.61 -2.65 -29.96
N LEU C 223 -33.32 -3.58 -30.87
CA LEU C 223 -33.25 -3.23 -32.31
C LEU C 223 -34.63 -2.89 -32.84
N SER C 224 -34.74 -1.71 -33.47
CA SER C 224 -35.91 -1.33 -34.29
C SER C 224 -37.23 -1.25 -33.50
#